data_2QNO
#
_entry.id   2QNO
#
_cell.length_a   61.240
_cell.length_b   84.720
_cell.length_c   121.740
_cell.angle_alpha   90.00
_cell.angle_beta   90.00
_cell.angle_gamma   90.00
#
_symmetry.space_group_name_H-M   'P 21 21 21'
#
loop_
_entity.id
_entity.type
_entity.pdbx_description
1 polymer 'Endoglucanase F'
2 branched 4-thio-beta-D-glucopyranose-(1-4)-beta-D-glucopyranose-(1-4)-4-thio-beta-D-glucopyranose-(1-4)-beta-D-glucopyranose-(1-4)-4-thio-beta-D-glucopyranose-(1-4)-beta-D-glucopyranose-(1-4)-4-thio-beta-D-glucopyranose-(1-4)-beta-D-glucopyranose-(1-4)-4-thio-beta-D-glucopyranose
3 non-polymer 'CALCIUM ION'
4 water water
#
_entity_poly.entity_id   1
_entity_poly.type   'polypeptide(L)'
_entity_poly.pdbx_seq_one_letter_code
;ASSPANKVYQDRFESMYSKIKDPANGYFSEQGIPYHSIETLMVEAPDYGHVTTSQAMSYYMWLEAMHGRFSGDFTGFDKS
WSVTEQYLIPTEKDQPNTSMSRYDANKPATYAPEFQDPSKYPSPLDTSQPVGRDPINSQLTSAYGTSMLYGMHWILDVDN
WYGFGARADGTSKPSYINTFQRGEQESTWETIPQPCWDEHKFGGQYGFLDLFTKDTGTPAKQFKYTNAPDADARAVQATY
WADQWAKEQGKSVSTSVGKATKMGDYLRYSFFDKYFRKIGQPSQAGTGYDAAHYLLSWYYAWGGGIDSTWSWIIGSSHNH
FGYQNPFAAWVLSTDANFKPKSSNGASDWAKSLDRQLEFYQWLQSAEGAIAGGATNSWNGRYEAVPSGTSTFYGMGYVEN
PVYADPGSNTWFGMQVWSMQRVAELYYKTGDARAKKLLDKWAKWINGEIKFNADGTFQIPSTIDWEGQPDTWNPTQGYTG
NANLHVKVVNYGTDLGCASSLANTLTYYAAKSGDETSRQNAQKLLDAMWNNYSDSKGISTVEQRGDYHRFLDQEVFVPAG
WTGKMPNGDVIKSGVKFIDIRSKYKQDPEWQTMVAALQAGQVPTQRLHRFWAQSEFAVANGVYAILFPD
;
_entity_poly.pdbx_strand_id   A
#
loop_
_chem_comp.id
_chem_comp.type
_chem_comp.name
_chem_comp.formula
BGC D-saccharide, beta linking beta-D-glucopyranose 'C6 H12 O6'
CA non-polymer 'CALCIUM ION' 'Ca 2'
SGC D-saccharide, beta linking 4-thio-beta-D-glucopyranose 'C6 H12 O5 S'
#
# COMPACT_ATOMS: atom_id res chain seq x y z
N ALA A 1 -18.08 16.29 24.43
CA ALA A 1 -18.67 17.03 23.26
C ALA A 1 -17.57 17.42 22.27
N SER A 2 -17.84 17.24 20.97
CA SER A 2 -16.87 17.61 19.94
C SER A 2 -16.79 19.13 19.77
N SER A 3 -15.56 19.61 19.61
CA SER A 3 -15.26 21.03 19.33
C SER A 3 -15.87 21.51 17.99
N PRO A 4 -16.11 22.83 17.84
CA PRO A 4 -16.74 23.35 16.63
C PRO A 4 -15.85 23.17 15.40
N ALA A 5 -16.46 22.96 14.24
CA ALA A 5 -15.74 22.86 12.97
C ALA A 5 -16.09 24.00 12.02
N ASN A 6 -15.18 24.32 11.11
CA ASN A 6 -15.42 25.32 10.07
C ASN A 6 -16.54 24.83 9.16
N LYS A 7 -17.68 25.53 9.18
CA LYS A 7 -18.88 25.03 8.52
C LYS A 7 -18.75 24.91 6.98
N VAL A 8 -17.98 25.81 6.38
CA VAL A 8 -17.70 25.79 4.94
C VAL A 8 -17.06 24.45 4.53
N TYR A 9 -16.01 24.05 5.24
CA TYR A 9 -15.24 22.86 4.88
C TYR A 9 -15.92 21.57 5.36
N GLN A 10 -16.69 21.65 6.45
CA GLN A 10 -17.53 20.53 6.86
C GLN A 10 -18.59 20.24 5.78
N ASP A 11 -19.27 21.27 5.28
CA ASP A 11 -20.25 21.10 4.20
C ASP A 11 -19.63 20.46 2.94
N ARG A 12 -18.39 20.84 2.65
CA ARG A 12 -17.64 20.25 1.52
C ARG A 12 -17.30 18.77 1.77
N PHE A 13 -16.91 18.42 3.01
CA PHE A 13 -16.82 17.01 3.38
C PHE A 13 -18.12 16.27 3.13
N GLU A 14 -19.19 16.77 3.75
CA GLU A 14 -20.52 16.19 3.67
C GLU A 14 -21.01 15.96 2.23
N SER A 15 -20.79 16.95 1.36
CA SER A 15 -21.08 16.85 -0.09
C SER A 15 -20.32 15.71 -0.78
N MET A 16 -19.00 15.68 -0.56
CA MET A 16 -18.14 14.60 -1.06
C MET A 16 -18.56 13.23 -0.53
N TYR A 17 -18.87 13.16 0.76
CA TYR A 17 -19.33 11.90 1.33
C TYR A 17 -20.61 11.43 0.63
N SER A 18 -21.56 12.33 0.38
CA SER A 18 -22.79 11.97 -0.34
C SER A 18 -22.53 11.48 -1.75
N LYS A 19 -21.59 12.11 -2.45
CA LYS A 19 -21.27 11.70 -3.83
C LYS A 19 -20.60 10.35 -3.86
N ILE A 20 -19.73 10.11 -2.89
CA ILE A 20 -19.06 8.82 -2.78
C ILE A 20 -20.02 7.69 -2.44
N LYS A 21 -20.97 7.94 -1.53
CA LYS A 21 -21.90 6.90 -1.09
C LYS A 21 -23.11 6.75 -1.98
N ASP A 22 -23.30 7.68 -2.90
CA ASP A 22 -24.46 7.70 -3.79
C ASP A 22 -24.49 6.48 -4.72
N PRO A 23 -25.50 5.58 -4.57
CA PRO A 23 -25.58 4.36 -5.39
C PRO A 23 -25.53 4.60 -6.90
N ALA A 24 -26.05 5.76 -7.32
CA ALA A 24 -26.07 6.16 -8.70
C ALA A 24 -24.68 6.47 -9.22
N ASN A 25 -23.72 6.73 -8.33
CA ASN A 25 -22.35 7.05 -8.76
C ASN A 25 -21.46 5.81 -9.05
N GLY A 26 -21.76 4.68 -8.42
CA GLY A 26 -21.08 3.41 -8.71
C GLY A 26 -19.65 3.25 -8.16
N TYR A 27 -19.39 3.83 -6.98
CA TYR A 27 -18.08 3.64 -6.33
C TYR A 27 -18.01 2.29 -5.64
N PHE A 28 -19.16 1.71 -5.33
CA PHE A 28 -19.23 0.47 -4.56
C PHE A 28 -19.88 -0.66 -5.34
N SER A 29 -19.43 -1.89 -5.10
CA SER A 29 -20.09 -3.06 -5.71
C SER A 29 -21.38 -3.35 -4.98
N GLU A 30 -22.16 -4.34 -5.47
CA GLU A 30 -23.43 -4.69 -4.80
C GLU A 30 -23.22 -5.26 -3.39
N GLN A 31 -22.05 -5.82 -3.14
CA GLN A 31 -21.70 -6.30 -1.79
C GLN A 31 -21.20 -5.20 -0.82
N GLY A 32 -21.13 -3.95 -1.27
CA GLY A 32 -20.71 -2.83 -0.40
C GLY A 32 -19.19 -2.68 -0.34
N ILE A 33 -18.50 -3.20 -1.36
CA ILE A 33 -17.03 -3.11 -1.43
C ILE A 33 -16.64 -1.98 -2.40
N PRO A 34 -15.75 -1.07 -1.97
CA PRO A 34 -15.40 0.02 -2.89
C PRO A 34 -14.47 -0.49 -4.01
N TYR A 35 -14.70 -0.04 -5.22
CA TYR A 35 -13.81 -0.36 -6.34
C TYR A 35 -12.57 0.54 -6.32
N HIS A 36 -11.48 0.15 -7.00
CA HIS A 36 -10.35 1.08 -7.14
C HIS A 36 -10.79 2.42 -7.80
N SER A 37 -11.59 2.33 -8.85
CA SER A 37 -12.12 3.48 -9.59
C SER A 37 -13.48 3.16 -10.14
N ILE A 38 -14.30 4.19 -10.33
CA ILE A 38 -15.58 3.98 -11.03
C ILE A 38 -15.33 3.40 -12.41
N GLU A 39 -14.36 3.97 -13.13
CA GLU A 39 -14.08 3.56 -14.50
C GLU A 39 -13.33 2.23 -14.52
N THR A 40 -13.65 1.38 -15.47
CA THR A 40 -13.08 0.02 -15.52
C THR A 40 -11.79 -0.11 -16.32
N LEU A 41 -11.61 0.75 -17.32
CA LEU A 41 -10.41 0.71 -18.16
C LEU A 41 -9.28 1.40 -17.42
N MET A 42 -8.54 0.62 -16.64
CA MET A 42 -7.73 1.20 -15.58
C MET A 42 -6.56 0.25 -15.30
N VAL A 43 -5.34 0.70 -15.61
CA VAL A 43 -4.10 -0.05 -15.36
C VAL A 43 -3.10 0.93 -14.80
N GLU A 44 -2.66 0.70 -13.56
CA GLU A 44 -1.63 1.54 -12.95
C GLU A 44 -0.91 0.87 -11.80
N ALA A 45 -1.60 0.07 -11.02
CA ALA A 45 -0.97 -0.78 -9.99
C ALA A 45 -1.85 -2.03 -9.97
N PRO A 46 -3.16 -1.87 -9.70
CA PRO A 46 -4.13 -2.87 -10.19
C PRO A 46 -4.25 -2.76 -11.71
N ASP A 47 -4.73 -3.80 -12.39
CA ASP A 47 -4.80 -3.74 -13.86
C ASP A 47 -6.24 -3.81 -14.37
N TYR A 48 -7.18 -3.60 -13.45
CA TYR A 48 -8.60 -3.52 -13.78
C TYR A 48 -9.26 -2.58 -12.76
N GLY A 49 -10.14 -1.70 -13.22
CA GLY A 49 -10.73 -0.70 -12.33
C GLY A 49 -11.64 -1.26 -11.24
N HIS A 50 -12.33 -2.37 -11.52
CA HIS A 50 -13.24 -2.93 -10.52
C HIS A 50 -12.67 -4.09 -9.70
N VAL A 51 -11.35 -4.08 -9.48
CA VAL A 51 -10.82 -4.78 -8.33
C VAL A 51 -11.05 -3.87 -7.10
N THR A 52 -10.89 -4.42 -5.91
CA THR A 52 -10.66 -3.59 -4.73
C THR A 52 -9.25 -3.87 -4.19
N THR A 53 -8.74 -2.93 -3.40
CA THR A 53 -7.41 -3.13 -2.82
C THR A 53 -7.53 -2.89 -1.31
N SER A 54 -6.58 -3.40 -0.52
CA SER A 54 -6.59 -3.03 0.91
C SER A 54 -6.37 -1.53 1.08
N GLN A 55 -5.69 -0.93 0.12
CA GLN A 55 -5.56 0.54 0.13
C GLN A 55 -6.93 1.22 0.08
N ALA A 56 -7.75 0.87 -0.88
CA ALA A 56 -9.11 1.41 -0.95
C ALA A 56 -9.87 1.13 0.34
N MET A 57 -9.78 -0.08 0.90
CA MET A 57 -10.56 -0.36 2.11
C MET A 57 -10.15 0.54 3.28
N SER A 58 -8.85 0.81 3.39
CA SER A 58 -8.36 1.63 4.49
C SER A 58 -8.78 3.10 4.31
N TYR A 59 -8.90 3.56 3.07
CA TYR A 59 -9.49 4.89 2.82
C TYR A 59 -10.97 4.93 3.09
N TYR A 60 -11.64 3.81 2.86
CA TYR A 60 -13.09 3.70 3.17
C TYR A 60 -13.26 3.84 4.70
N MET A 61 -12.39 3.21 5.48
CA MET A 61 -12.37 3.38 6.93
C MET A 61 -12.19 4.84 7.37
N TRP A 62 -11.22 5.51 6.76
CA TRP A 62 -10.89 6.88 7.14
C TRP A 62 -12.06 7.79 6.81
N LEU A 63 -12.64 7.58 5.63
CA LEU A 63 -13.80 8.34 5.18
C LEU A 63 -14.95 8.18 6.17
N GLU A 64 -15.28 6.94 6.55
CA GLU A 64 -16.38 6.69 7.48
C GLU A 64 -16.14 7.20 8.89
N ALA A 65 -14.86 7.18 9.34
CA ALA A 65 -14.48 7.73 10.64
C ALA A 65 -14.82 9.24 10.68
N MET A 66 -14.42 9.95 9.64
N MET A 66 -14.43 9.95 9.64
CA MET A 66 -14.70 11.40 9.49
CA MET A 66 -14.72 11.39 9.54
C MET A 66 -16.20 11.71 9.39
C MET A 66 -16.21 11.70 9.43
N HIS A 67 -16.95 10.86 8.70
CA HIS A 67 -18.42 10.97 8.67
C HIS A 67 -19.00 10.83 10.09
N GLY A 68 -18.45 9.90 10.86
CA GLY A 68 -18.84 9.71 12.25
C GLY A 68 -18.63 10.99 13.05
N ARG A 69 -17.49 11.63 12.84
CA ARG A 69 -17.11 12.85 13.53
C ARG A 69 -18.10 13.99 13.27
N PHE A 70 -18.57 14.14 12.03
CA PHE A 70 -19.52 15.21 11.72
C PHE A 70 -20.99 14.82 11.90
N SER A 71 -21.32 13.55 11.81
CA SER A 71 -22.72 13.16 11.88
C SER A 71 -23.12 12.58 13.24
N GLY A 72 -22.14 12.17 14.03
CA GLY A 72 -22.43 11.37 15.22
C GLY A 72 -22.84 9.91 14.97
N ASP A 73 -22.90 9.49 13.71
CA ASP A 73 -23.27 8.12 13.37
C ASP A 73 -22.01 7.34 12.97
N PHE A 74 -21.70 6.28 13.70
CA PHE A 74 -20.48 5.53 13.48
C PHE A 74 -20.77 4.16 12.92
N THR A 75 -22.03 3.93 12.56
CA THR A 75 -22.43 2.62 12.02
C THR A 75 -21.73 2.36 10.67
N GLY A 76 -21.50 3.41 9.89
CA GLY A 76 -20.78 3.27 8.62
C GLY A 76 -19.33 2.82 8.82
N PHE A 77 -18.70 3.30 9.90
CA PHE A 77 -17.32 2.93 10.22
C PHE A 77 -17.25 1.45 10.63
N ASP A 78 -18.14 1.06 11.55
CA ASP A 78 -18.25 -0.35 11.95
C ASP A 78 -18.49 -1.26 10.73
N LYS A 79 -19.29 -0.80 9.78
CA LYS A 79 -19.61 -1.61 8.58
C LYS A 79 -18.37 -1.73 7.70
N SER A 80 -17.57 -0.67 7.60
CA SER A 80 -16.35 -0.76 6.82
C SER A 80 -15.42 -1.83 7.39
N TRP A 81 -15.36 -1.97 8.72
CA TRP A 81 -14.63 -3.08 9.36
C TRP A 81 -15.28 -4.44 9.12
N SER A 82 -16.62 -4.50 9.14
CA SER A 82 -17.30 -5.77 8.84
C SER A 82 -17.01 -6.27 7.42
N VAL A 83 -17.12 -5.38 6.45
CA VAL A 83 -16.84 -5.72 5.06
C VAL A 83 -15.38 -6.19 4.89
N THR A 84 -14.45 -5.51 5.55
CA THR A 84 -13.03 -5.87 5.52
C THR A 84 -12.79 -7.27 6.01
N GLU A 85 -13.36 -7.59 7.18
CA GLU A 85 -13.17 -8.90 7.78
C GLU A 85 -13.82 -9.99 6.95
N GLN A 86 -14.99 -9.70 6.38
CA GLN A 86 -15.70 -10.67 5.57
C GLN A 86 -14.97 -11.04 4.26
N TYR A 87 -14.40 -10.01 3.61
CA TYR A 87 -13.98 -10.13 2.23
C TYR A 87 -12.50 -10.00 1.97
N LEU A 88 -11.77 -9.28 2.84
CA LEU A 88 -10.35 -9.02 2.55
C LEU A 88 -9.36 -9.72 3.47
N ILE A 89 -9.83 -10.11 4.66
CA ILE A 89 -9.01 -10.91 5.57
C ILE A 89 -9.42 -12.37 5.35
N PRO A 90 -8.49 -13.19 4.85
CA PRO A 90 -8.85 -14.56 4.44
C PRO A 90 -9.46 -15.32 5.62
N THR A 91 -10.66 -15.89 5.41
CA THR A 91 -11.38 -16.60 6.45
C THR A 91 -10.75 -17.95 6.74
N GLU A 92 -11.37 -18.68 7.68
CA GLU A 92 -10.97 -20.04 8.02
C GLU A 92 -10.99 -20.96 6.80
N LYS A 93 -11.95 -20.76 5.90
CA LYS A 93 -12.01 -21.53 4.65
C LYS A 93 -10.88 -21.19 3.66
N ASP A 94 -10.39 -19.96 3.73
CA ASP A 94 -9.38 -19.46 2.76
C ASP A 94 -7.94 -19.71 3.19
N GLN A 95 -7.71 -19.82 4.50
CA GLN A 95 -6.40 -20.15 5.02
C GLN A 95 -6.54 -21.23 6.12
N PRO A 96 -6.90 -22.47 5.70
CA PRO A 96 -7.28 -23.53 6.64
C PRO A 96 -6.28 -23.64 7.77
N ASN A 97 -6.78 -23.57 9.01
CA ASN A 97 -5.91 -23.67 10.17
C ASN A 97 -5.21 -25.04 10.25
N THR A 98 -5.79 -26.04 9.60
CA THR A 98 -5.13 -27.35 9.51
C THR A 98 -3.76 -27.26 8.84
N SER A 99 -3.64 -26.41 7.82
CA SER A 99 -2.32 -26.15 7.23
C SER A 99 -1.51 -25.13 8.02
N MET A 100 -2.15 -24.04 8.45
CA MET A 100 -1.43 -22.98 9.17
C MET A 100 -0.81 -23.48 10.47
N SER A 101 -1.51 -24.39 11.15
CA SER A 101 -1.00 -24.98 12.42
C SER A 101 0.25 -25.87 12.23
N ARG A 102 0.52 -26.26 10.99
CA ARG A 102 1.74 -27.02 10.70
C ARG A 102 2.94 -26.13 10.38
N TYR A 103 2.77 -24.82 10.57
CA TYR A 103 3.86 -23.87 10.41
C TYR A 103 5.02 -24.16 11.37
N ASP A 104 6.24 -24.05 10.85
CA ASP A 104 7.43 -24.31 11.64
C ASP A 104 8.20 -22.99 11.82
N ALA A 105 8.07 -22.38 13.00
CA ALA A 105 8.73 -21.10 13.30
C ALA A 105 10.26 -21.17 13.19
N ASN A 106 10.83 -22.38 13.23
CA ASN A 106 12.30 -22.51 13.08
C ASN A 106 12.74 -22.64 11.62
N LYS A 107 11.80 -22.90 10.72
CA LYS A 107 12.04 -22.91 9.28
C LYS A 107 10.83 -22.32 8.56
N PRO A 108 10.67 -20.99 8.65
CA PRO A 108 9.45 -20.33 8.16
C PRO A 108 9.16 -20.53 6.68
N ALA A 109 10.20 -20.61 5.84
CA ALA A 109 10.00 -20.73 4.39
C ALA A 109 11.27 -21.27 3.78
N THR A 110 11.23 -21.57 2.49
CA THR A 110 12.40 -22.01 1.75
C THR A 110 12.88 -20.90 0.87
N TYR A 111 14.19 -20.66 0.91
CA TYR A 111 14.82 -19.63 0.11
C TYR A 111 14.66 -19.85 -1.40
N ALA A 112 14.40 -18.75 -2.12
CA ALA A 112 14.57 -18.71 -3.56
C ALA A 112 15.09 -17.32 -3.93
N PRO A 113 15.93 -17.24 -4.96
CA PRO A 113 16.41 -15.93 -5.38
C PRO A 113 15.34 -15.12 -6.11
N GLU A 114 15.51 -13.80 -6.05
CA GLU A 114 14.78 -12.84 -6.88
C GLU A 114 15.68 -12.49 -8.06
N PHE A 115 15.07 -12.18 -9.20
CA PHE A 115 15.81 -11.82 -10.42
C PHE A 115 15.36 -10.46 -10.94
N GLN A 116 16.26 -9.82 -11.69
CA GLN A 116 16.02 -8.48 -12.21
C GLN A 116 15.36 -8.46 -13.60
N ASP A 117 14.96 -9.62 -14.11
CA ASP A 117 14.18 -9.68 -15.35
C ASP A 117 13.19 -10.80 -15.17
N PRO A 118 11.93 -10.55 -15.56
CA PRO A 118 10.91 -11.58 -15.48
C PRO A 118 11.25 -12.84 -16.24
N SER A 119 12.15 -12.77 -17.24
CA SER A 119 12.42 -13.97 -18.08
C SER A 119 13.24 -15.04 -17.35
N LYS A 120 13.78 -14.66 -16.20
CA LYS A 120 14.54 -15.56 -15.35
C LYS A 120 13.67 -16.42 -14.45
N TYR A 121 12.37 -16.15 -14.39
CA TYR A 121 11.43 -16.92 -13.57
C TYR A 121 10.90 -18.08 -14.41
N PRO A 122 10.54 -19.23 -13.77
CA PRO A 122 10.44 -19.53 -12.33
C PRO A 122 11.75 -19.54 -11.58
N SER A 123 11.71 -19.04 -10.36
CA SER A 123 12.86 -19.03 -9.48
C SER A 123 13.01 -20.38 -8.76
N PRO A 124 14.23 -20.96 -8.72
CA PRO A 124 14.34 -22.30 -8.10
C PRO A 124 14.51 -22.21 -6.58
N LEU A 125 13.66 -22.96 -5.88
CA LEU A 125 13.76 -23.10 -4.43
C LEU A 125 15.05 -23.86 -4.07
N ASP A 126 15.71 -23.44 -3.00
CA ASP A 126 16.94 -24.06 -2.54
C ASP A 126 16.86 -24.31 -1.02
N THR A 127 16.60 -25.55 -0.61
CA THR A 127 16.57 -25.89 0.82
C THR A 127 17.89 -25.75 1.57
N SER A 128 19.00 -25.61 0.87
CA SER A 128 20.32 -25.54 1.56
C SER A 128 20.70 -24.15 2.05
N GLN A 129 20.00 -23.14 1.55
CA GLN A 129 20.28 -21.76 1.93
C GLN A 129 19.70 -21.47 3.30
N PRO A 130 20.45 -20.76 4.17
CA PRO A 130 20.01 -20.51 5.54
C PRO A 130 18.69 -19.71 5.57
N VAL A 131 17.84 -20.02 6.53
CA VAL A 131 16.63 -19.25 6.80
C VAL A 131 16.58 -19.15 8.33
N GLY A 132 16.31 -17.95 8.84
CA GLY A 132 16.28 -17.69 10.29
C GLY A 132 15.01 -18.11 11.00
N ARG A 133 14.93 -17.82 12.28
CA ARG A 133 13.81 -18.22 13.13
C ARG A 133 12.83 -17.07 13.27
N ASP A 134 11.55 -17.39 13.34
CA ASP A 134 10.47 -16.41 13.53
C ASP A 134 10.18 -16.33 15.03
N PRO A 135 10.51 -15.19 15.68
CA PRO A 135 10.29 -15.08 17.10
C PRO A 135 8.89 -14.60 17.51
N ILE A 136 8.02 -14.20 16.57
CA ILE A 136 6.71 -13.68 16.98
C ILE A 136 5.56 -14.65 16.84
N ASN A 137 5.74 -15.71 16.06
CA ASN A 137 4.61 -16.62 15.81
C ASN A 137 4.04 -17.14 17.14
N SER A 138 4.91 -17.50 18.06
CA SER A 138 4.46 -18.09 19.33
C SER A 138 3.69 -17.05 20.16
N GLN A 139 4.08 -15.78 20.07
CA GLN A 139 3.33 -14.71 20.75
C GLN A 139 1.90 -14.59 20.21
N LEU A 140 1.77 -14.70 18.89
CA LEU A 140 0.48 -14.56 18.20
C LEU A 140 -0.48 -15.74 18.42
N THR A 141 0.02 -16.98 18.28
CA THR A 141 -0.83 -18.16 18.50
C THR A 141 -1.26 -18.23 19.97
N SER A 142 -0.35 -17.85 20.88
CA SER A 142 -0.71 -17.80 22.31
C SER A 142 -1.79 -16.76 22.63
N ALA A 143 -1.71 -15.57 22.02
CA ALA A 143 -2.68 -14.51 22.29
C ALA A 143 -4.03 -14.73 21.65
N TYR A 144 -4.02 -15.25 20.42
CA TYR A 144 -5.23 -15.29 19.61
C TYR A 144 -5.78 -16.70 19.42
N GLY A 145 -5.02 -17.72 19.79
CA GLY A 145 -5.52 -19.09 19.80
C GLY A 145 -5.80 -19.68 18.43
N THR A 146 -5.09 -19.20 17.41
CA THR A 146 -5.19 -19.74 16.05
C THR A 146 -3.84 -19.59 15.37
N SER A 147 -3.59 -20.35 14.30
CA SER A 147 -2.40 -20.09 13.47
C SER A 147 -2.68 -19.27 12.22
N MET A 148 -3.95 -18.91 12.01
CA MET A 148 -4.32 -18.01 10.92
C MET A 148 -3.79 -16.61 11.16
N LEU A 149 -3.50 -15.90 10.07
CA LEU A 149 -3.00 -14.52 10.19
C LEU A 149 -4.14 -13.53 9.98
N TYR A 150 -4.13 -12.46 10.75
CA TYR A 150 -5.17 -11.47 10.62
C TYR A 150 -4.59 -10.21 9.97
N GLY A 151 -4.63 -10.16 8.64
CA GLY A 151 -4.12 -9.03 7.89
C GLY A 151 -4.86 -9.04 6.58
N MET A 152 -4.96 -7.88 5.92
CA MET A 152 -5.64 -7.85 4.65
C MET A 152 -4.79 -8.39 3.52
N HIS A 153 -5.36 -9.28 2.70
CA HIS A 153 -4.77 -9.54 1.38
C HIS A 153 -5.01 -8.29 0.52
N TRP A 154 -4.05 -7.96 -0.36
CA TRP A 154 -4.01 -6.62 -0.95
C TRP A 154 -4.96 -6.37 -2.09
N ILE A 155 -5.44 -7.43 -2.75
CA ILE A 155 -6.29 -7.18 -3.92
C ILE A 155 -7.36 -8.25 -4.10
N LEU A 156 -8.53 -7.81 -4.55
CA LEU A 156 -9.67 -8.68 -4.66
C LEU A 156 -10.37 -8.40 -5.99
N ASP A 157 -10.69 -9.45 -6.74
CA ASP A 157 -11.43 -9.30 -7.99
C ASP A 157 -12.93 -9.37 -7.63
N VAL A 158 -13.51 -8.18 -7.38
CA VAL A 158 -14.77 -8.02 -6.64
C VAL A 158 -15.93 -8.70 -7.36
N ASP A 159 -15.99 -8.52 -8.67
CA ASP A 159 -17.10 -9.06 -9.44
C ASP A 159 -16.70 -10.26 -10.27
N ASN A 160 -15.58 -10.90 -9.91
CA ASN A 160 -15.13 -12.09 -10.62
C ASN A 160 -14.89 -11.87 -12.13
N TRP A 161 -14.25 -10.74 -12.46
CA TRP A 161 -14.00 -10.38 -13.87
C TRP A 161 -13.00 -11.31 -14.55
N TYR A 162 -12.02 -11.80 -13.79
CA TYR A 162 -11.06 -12.76 -14.30
C TYR A 162 -11.63 -14.17 -14.41
N GLY A 163 -12.65 -14.50 -13.63
CA GLY A 163 -13.27 -15.82 -13.71
C GLY A 163 -12.74 -16.94 -12.83
N PHE A 164 -11.85 -16.62 -11.88
CA PHE A 164 -11.34 -17.68 -10.99
C PHE A 164 -12.32 -18.08 -9.91
N GLY A 165 -13.24 -17.18 -9.55
CA GLY A 165 -14.24 -17.44 -8.53
C GLY A 165 -13.59 -17.57 -7.16
N ALA A 166 -14.29 -18.24 -6.25
CA ALA A 166 -13.80 -18.38 -4.89
C ALA A 166 -13.37 -19.82 -4.66
N ARG A 167 -12.16 -20.01 -4.14
CA ARG A 167 -11.59 -21.34 -3.91
C ARG A 167 -11.81 -22.25 -5.12
N ALA A 168 -11.40 -21.71 -6.28
CA ALA A 168 -11.44 -22.41 -7.58
C ALA A 168 -12.82 -22.79 -8.13
N ASP A 169 -13.90 -22.14 -7.70
CA ASP A 169 -15.22 -22.55 -8.19
C ASP A 169 -15.62 -21.90 -9.52
N GLY A 170 -14.86 -20.89 -9.94
CA GLY A 170 -15.10 -20.24 -11.22
C GLY A 170 -16.25 -19.25 -11.25
N THR A 171 -17.10 -19.27 -10.25
CA THR A 171 -18.40 -18.57 -10.33
C THR A 171 -18.69 -17.59 -9.21
N SER A 172 -18.14 -17.81 -8.02
CA SER A 172 -18.43 -16.96 -6.86
C SER A 172 -17.73 -15.62 -6.91
N LYS A 173 -18.30 -14.65 -6.21
CA LYS A 173 -17.66 -13.36 -6.03
C LYS A 173 -17.72 -13.01 -4.55
N PRO A 174 -16.71 -12.28 -4.04
CA PRO A 174 -15.50 -11.86 -4.77
C PRO A 174 -14.43 -12.97 -4.87
N SER A 175 -13.40 -12.73 -5.68
CA SER A 175 -12.38 -13.70 -5.96
C SER A 175 -11.00 -13.18 -5.52
N TYR A 176 -10.32 -13.92 -4.65
CA TYR A 176 -8.95 -13.58 -4.27
C TYR A 176 -7.98 -13.88 -5.40
N ILE A 177 -7.21 -12.86 -5.82
CA ILE A 177 -6.23 -12.98 -6.88
C ILE A 177 -4.94 -12.29 -6.46
N ASN A 178 -3.88 -12.52 -7.24
CA ASN A 178 -2.65 -11.76 -7.12
C ASN A 178 -2.10 -11.59 -8.55
N THR A 179 -1.17 -10.65 -8.69
CA THR A 179 -0.62 -10.35 -10.00
C THR A 179 0.92 -10.40 -9.91
N PHE A 180 1.55 -9.36 -9.34
CA PHE A 180 3.02 -9.28 -9.24
C PHE A 180 3.63 -10.53 -8.57
N GLN A 181 4.66 -11.08 -9.21
CA GLN A 181 5.36 -12.29 -8.77
C GLN A 181 6.83 -12.28 -9.21
N ARG A 182 7.20 -11.49 -10.23
CA ARG A 182 8.47 -11.71 -10.93
C ARG A 182 9.43 -10.55 -10.87
N GLY A 183 9.53 -9.93 -9.68
CA GLY A 183 10.63 -9.00 -9.36
C GLY A 183 10.52 -7.59 -9.91
N GLU A 184 11.63 -6.84 -9.82
CA GLU A 184 11.58 -5.38 -9.96
C GLU A 184 11.27 -4.87 -11.37
N GLN A 185 11.50 -5.70 -12.37
CA GLN A 185 11.20 -5.28 -13.73
C GLN A 185 9.83 -5.74 -14.23
N GLU A 186 9.10 -6.48 -13.42
CA GLU A 186 7.75 -6.86 -13.79
C GLU A 186 6.76 -5.72 -13.47
N SER A 187 6.47 -4.86 -14.44
CA SER A 187 5.49 -3.79 -14.25
C SER A 187 4.09 -4.39 -14.16
N THR A 188 3.10 -3.55 -13.93
CA THR A 188 1.71 -3.99 -13.93
C THR A 188 1.28 -4.52 -15.31
N TRP A 189 2.03 -4.14 -16.36
CA TRP A 189 1.73 -4.56 -17.72
C TRP A 189 2.30 -5.97 -18.07
N GLU A 190 3.14 -6.51 -17.19
CA GLU A 190 3.89 -7.70 -17.48
C GLU A 190 3.55 -8.92 -16.61
N THR A 191 2.47 -8.83 -15.83
CA THR A 191 2.06 -9.90 -14.91
C THR A 191 1.13 -10.91 -15.60
N ILE A 192 0.98 -12.08 -14.97
CA ILE A 192 -0.01 -13.04 -15.34
C ILE A 192 -0.89 -13.19 -14.11
N PRO A 193 -2.10 -12.62 -14.15
CA PRO A 193 -3.00 -12.68 -13.01
C PRO A 193 -3.32 -14.13 -12.65
N GLN A 194 -3.35 -14.44 -11.36
CA GLN A 194 -3.45 -15.81 -10.88
C GLN A 194 -4.30 -15.83 -9.62
N PRO A 195 -4.96 -16.98 -9.36
CA PRO A 195 -5.75 -17.10 -8.15
C PRO A 195 -4.84 -17.29 -6.92
N CYS A 196 -5.27 -16.72 -5.80
CA CYS A 196 -4.60 -17.00 -4.53
C CYS A 196 -4.76 -18.49 -4.16
N TRP A 197 -5.89 -19.07 -4.52
CA TRP A 197 -6.23 -20.45 -4.15
C TRP A 197 -6.07 -21.25 -5.45
N ASP A 198 -5.00 -22.03 -5.52
CA ASP A 198 -4.65 -22.69 -6.78
C ASP A 198 -4.80 -24.18 -6.61
N GLU A 199 -5.89 -24.71 -7.15
CA GLU A 199 -6.07 -26.14 -7.20
C GLU A 199 -5.78 -26.74 -8.57
N HIS A 200 -5.05 -26.01 -9.40
CA HIS A 200 -4.66 -26.44 -10.73
C HIS A 200 -5.85 -26.48 -11.70
N LYS A 201 -6.98 -25.88 -11.32
CA LYS A 201 -8.18 -25.93 -12.20
C LYS A 201 -8.09 -24.98 -13.39
N PHE A 202 -7.31 -23.93 -13.25
CA PHE A 202 -7.17 -22.94 -14.30
C PHE A 202 -5.71 -22.80 -14.56
N GLY A 203 -5.36 -22.24 -15.72
CA GLY A 203 -3.99 -22.01 -16.10
C GLY A 203 -3.40 -23.22 -16.79
N GLY A 204 -2.29 -23.70 -16.28
CA GLY A 204 -1.59 -24.79 -16.91
C GLY A 204 -1.85 -26.08 -16.17
N GLN A 205 -1.00 -27.06 -16.44
CA GLN A 205 -1.13 -28.39 -15.88
C GLN A 205 -1.11 -28.34 -14.33
N TYR A 206 -0.28 -27.45 -13.78
CA TYR A 206 -0.18 -27.24 -12.33
C TYR A 206 -0.64 -25.82 -11.97
N GLY A 207 -1.77 -25.44 -12.56
CA GLY A 207 -2.32 -24.09 -12.38
C GLY A 207 -1.32 -23.06 -12.83
N PHE A 208 -0.99 -22.09 -11.97
CA PHE A 208 -0.07 -21.00 -12.34
C PHE A 208 1.27 -21.10 -11.63
N LEU A 209 1.42 -22.14 -10.79
CA LEU A 209 2.48 -22.16 -9.79
C LEU A 209 3.89 -22.17 -10.38
N ASP A 210 4.05 -22.98 -11.43
CA ASP A 210 5.35 -23.20 -12.01
C ASP A 210 5.73 -22.11 -13.02
N LEU A 211 4.91 -21.06 -13.16
CA LEU A 211 5.40 -19.83 -13.80
C LEU A 211 6.40 -19.12 -12.91
N PHE A 212 6.28 -19.29 -11.58
CA PHE A 212 6.92 -18.39 -10.62
C PHE A 212 7.99 -19.01 -9.74
N THR A 213 7.73 -20.25 -9.34
CA THR A 213 8.56 -20.99 -8.43
C THR A 213 8.79 -22.36 -9.04
N LYS A 214 10.03 -22.84 -8.96
CA LYS A 214 10.37 -24.17 -9.41
C LYS A 214 10.88 -24.97 -8.20
N ASP A 215 10.24 -26.11 -7.96
CA ASP A 215 10.67 -27.02 -6.91
C ASP A 215 11.15 -28.32 -7.51
N THR A 216 11.71 -29.18 -6.65
CA THR A 216 12.09 -30.55 -6.99
C THR A 216 11.02 -31.35 -7.73
N GLY A 217 9.85 -31.49 -7.11
CA GLY A 217 8.86 -32.42 -7.62
C GLY A 217 7.69 -31.82 -8.37
N THR A 218 6.52 -32.36 -8.07
CA THR A 218 5.27 -31.94 -8.67
C THR A 218 4.70 -30.81 -7.81
N PRO A 219 4.32 -29.67 -8.43
CA PRO A 219 3.77 -28.55 -7.64
C PRO A 219 2.51 -28.97 -6.88
N ALA A 220 2.45 -28.65 -5.60
CA ALA A 220 1.27 -29.00 -4.80
C ALA A 220 0.13 -27.99 -5.00
N LYS A 221 -1.11 -28.41 -4.80
CA LYS A 221 -2.24 -27.46 -4.69
C LYS A 221 -2.01 -26.61 -3.41
N GLN A 222 -2.17 -25.30 -3.53
CA GLN A 222 -1.77 -24.42 -2.43
C GLN A 222 -2.42 -23.03 -2.51
N PHE A 223 -2.52 -22.37 -1.36
CA PHE A 223 -3.05 -21.00 -1.28
C PHE A 223 -1.89 -20.10 -0.88
N LYS A 224 -2.02 -18.81 -1.15
N LYS A 224 -1.99 -18.81 -1.19
CA LYS A 224 -1.02 -17.83 -0.75
CA LYS A 224 -1.03 -17.85 -0.67
C LYS A 224 -1.68 -16.46 -0.76
C LYS A 224 -1.61 -16.45 -0.79
N TYR A 225 -1.26 -15.58 0.16
CA TYR A 225 -1.81 -14.22 0.26
C TYR A 225 -0.64 -13.29 0.52
N THR A 226 -0.80 -12.02 0.15
CA THR A 226 0.25 -11.02 0.40
C THR A 226 -0.40 -9.75 0.96
N ASN A 227 0.19 -9.27 2.05
CA ASN A 227 -0.20 -8.05 2.72
C ASN A 227 0.42 -6.83 2.05
N ALA A 228 -0.28 -5.69 2.15
CA ALA A 228 0.29 -4.39 1.82
C ALA A 228 0.37 -3.61 3.13
N PRO A 229 1.53 -3.64 3.81
CA PRO A 229 1.63 -3.01 5.16
C PRO A 229 1.16 -1.58 5.29
N ASP A 230 1.31 -0.77 4.23
N ASP A 230 1.35 -0.82 4.22
CA ASP A 230 0.90 0.63 4.32
CA ASP A 230 0.93 0.55 4.14
C ASP A 230 -0.62 0.78 4.42
C ASP A 230 -0.56 0.67 4.50
N ALA A 231 -1.36 -0.22 3.91
CA ALA A 231 -2.82 -0.24 4.02
C ALA A 231 -3.27 -0.64 5.42
N ASP A 232 -2.69 -1.71 5.97
CA ASP A 232 -3.04 -2.15 7.32
C ASP A 232 -2.62 -1.09 8.37
N ALA A 233 -1.47 -0.43 8.17
CA ALA A 233 -1.12 0.65 9.09
C ALA A 233 -2.12 1.83 8.98
N ARG A 234 -2.60 2.15 7.78
CA ARG A 234 -3.61 3.22 7.64
C ARG A 234 -4.95 2.84 8.32
N ALA A 235 -5.28 1.55 8.31
CA ALA A 235 -6.47 1.06 9.03
C ALA A 235 -6.38 1.38 10.51
N VAL A 236 -5.19 1.14 11.10
CA VAL A 236 -4.96 1.47 12.51
C VAL A 236 -5.08 2.98 12.74
N GLN A 237 -4.43 3.76 11.88
CA GLN A 237 -4.48 5.22 11.92
C GLN A 237 -5.93 5.74 11.90
N ALA A 238 -6.73 5.26 10.95
CA ALA A 238 -8.14 5.65 10.82
C ALA A 238 -8.97 5.28 12.03
N THR A 239 -8.71 4.10 12.57
CA THR A 239 -9.49 3.57 13.68
C THR A 239 -9.17 4.33 14.99
N TYR A 240 -7.91 4.74 15.15
CA TYR A 240 -7.54 5.63 16.25
C TYR A 240 -8.42 6.89 16.21
N TRP A 241 -8.54 7.52 15.05
CA TRP A 241 -9.35 8.74 14.95
C TRP A 241 -10.83 8.48 15.18
N ALA A 242 -11.34 7.38 14.63
CA ALA A 242 -12.73 6.96 14.89
C ALA A 242 -13.01 6.87 16.41
N ASP A 243 -12.07 6.27 17.12
CA ASP A 243 -12.18 6.06 18.55
C ASP A 243 -12.19 7.40 19.32
N GLN A 244 -11.24 8.27 19.00
CA GLN A 244 -11.16 9.62 19.56
C GLN A 244 -12.46 10.40 19.29
N TRP A 245 -12.90 10.38 18.04
CA TRP A 245 -14.07 11.15 17.67
C TRP A 245 -15.34 10.58 18.27
N ALA A 246 -15.44 9.25 18.34
CA ALA A 246 -16.55 8.59 18.98
C ALA A 246 -16.64 8.94 20.48
N LYS A 247 -15.51 8.95 21.18
N LYS A 247 -15.51 8.91 21.17
CA LYS A 247 -15.49 9.21 22.63
CA LYS A 247 -15.45 9.22 22.61
C LYS A 247 -15.75 10.67 23.01
C LYS A 247 -15.92 10.64 22.90
N GLU A 248 -15.48 11.58 22.08
CA GLU A 248 -15.85 13.00 22.23
C GLU A 248 -17.35 13.18 22.22
N GLN A 249 -18.09 12.20 21.70
CA GLN A 249 -19.53 12.32 21.55
C GLN A 249 -20.27 11.30 22.40
N GLY A 250 -19.54 10.64 23.30
CA GLY A 250 -20.15 9.59 24.13
C GLY A 250 -20.56 8.33 23.36
N LYS A 251 -20.00 8.13 22.16
CA LYS A 251 -20.24 6.91 21.39
C LYS A 251 -19.03 5.98 21.49
N SER A 252 -19.21 4.76 21.01
CA SER A 252 -18.17 3.75 21.12
C SER A 252 -17.98 2.99 19.78
N VAL A 253 -16.72 2.76 19.40
CA VAL A 253 -16.42 1.83 18.29
C VAL A 253 -15.49 0.73 18.79
N SER A 254 -15.77 0.21 19.99
CA SER A 254 -14.84 -0.65 20.68
C SER A 254 -14.55 -1.93 19.92
N THR A 255 -15.58 -2.49 19.31
N THR A 255 -15.55 -2.51 19.27
CA THR A 255 -15.45 -3.68 18.50
CA THR A 255 -15.28 -3.76 18.55
C THR A 255 -14.36 -3.48 17.42
C THR A 255 -14.43 -3.57 17.28
N SER A 256 -14.47 -2.37 16.70
CA SER A 256 -13.58 -2.07 15.58
C SER A 256 -12.16 -1.82 16.08
N VAL A 257 -12.06 -1.20 17.25
CA VAL A 257 -10.78 -0.95 17.91
C VAL A 257 -10.07 -2.30 18.17
N GLY A 258 -10.81 -3.32 18.61
CA GLY A 258 -10.20 -4.64 18.83
C GLY A 258 -9.67 -5.28 17.55
N LYS A 259 -10.39 -5.10 16.46
CA LYS A 259 -9.93 -5.61 15.18
C LYS A 259 -8.65 -4.88 14.71
N ALA A 260 -8.64 -3.56 14.78
CA ALA A 260 -7.46 -2.77 14.41
C ALA A 260 -6.21 -3.13 15.23
N THR A 261 -6.42 -3.38 16.52
N THR A 261 -6.37 -3.37 16.53
CA THR A 261 -5.34 -3.71 17.42
CA THR A 261 -5.20 -3.72 17.36
C THR A 261 -4.73 -5.07 17.07
C THR A 261 -4.68 -5.11 17.02
N LYS A 262 -5.60 -6.04 16.77
CA LYS A 262 -5.19 -7.35 16.34
C LYS A 262 -4.43 -7.30 14.99
N MET A 263 -4.98 -6.56 14.01
CA MET A 263 -4.27 -6.32 12.74
C MET A 263 -2.88 -5.72 12.98
N GLY A 264 -2.77 -4.73 13.85
CA GLY A 264 -1.47 -4.12 14.15
C GLY A 264 -0.48 -5.11 14.77
N ASP A 265 -1.00 -6.12 15.46
CA ASP A 265 -0.17 -7.12 16.11
C ASP A 265 0.43 -8.03 15.03
N TYR A 266 -0.41 -8.47 14.08
CA TYR A 266 0.07 -9.28 12.94
C TYR A 266 0.97 -8.48 11.99
N LEU A 267 0.71 -7.18 11.87
CA LEU A 267 1.48 -6.31 10.97
C LEU A 267 2.97 -6.32 11.29
N ARG A 268 3.34 -6.70 12.51
CA ARG A 268 4.76 -6.88 12.85
C ARG A 268 5.54 -7.84 11.94
N TYR A 269 4.86 -8.73 11.21
CA TYR A 269 5.60 -9.56 10.27
C TYR A 269 6.35 -8.74 9.22
N SER A 270 5.87 -7.54 8.92
CA SER A 270 6.56 -6.68 7.93
C SER A 270 7.87 -6.14 8.51
N PHE A 271 8.10 -6.35 9.80
CA PHE A 271 9.32 -5.88 10.47
C PHE A 271 10.56 -6.72 10.15
N PHE A 272 10.34 -7.89 9.54
CA PHE A 272 11.40 -8.90 9.40
C PHE A 272 11.91 -9.08 8.00
N ASP A 273 13.21 -9.37 7.91
CA ASP A 273 13.83 -9.74 6.65
C ASP A 273 13.02 -10.90 6.02
N LYS A 274 12.97 -10.93 4.69
CA LYS A 274 12.19 -11.92 3.95
C LYS A 274 12.39 -13.35 4.48
N TYR A 275 13.64 -13.79 4.64
CA TYR A 275 13.91 -15.15 5.11
C TYR A 275 14.55 -15.13 6.50
N PHE A 276 14.23 -14.09 7.27
CA PHE A 276 14.68 -13.95 8.63
C PHE A 276 16.20 -14.03 8.73
N ARG A 277 16.90 -13.43 7.76
CA ARG A 277 18.36 -13.27 7.87
C ARG A 277 18.65 -12.07 8.73
N LYS A 278 19.79 -12.10 9.42
CA LYS A 278 20.20 -11.00 10.27
C LYS A 278 20.30 -9.71 9.50
N ILE A 279 19.80 -8.62 10.08
CA ILE A 279 19.87 -7.31 9.45
C ILE A 279 21.32 -6.84 9.48
N GLY A 280 21.86 -6.52 8.31
CA GLY A 280 23.23 -6.04 8.16
C GLY A 280 24.25 -7.14 8.14
N GLN A 281 23.82 -8.39 8.28
CA GLN A 281 24.69 -9.56 8.15
C GLN A 281 23.91 -10.63 7.39
N PRO A 282 23.59 -10.34 6.11
CA PRO A 282 22.60 -11.10 5.35
C PRO A 282 22.98 -12.55 5.02
N SER A 283 24.27 -12.91 5.10
CA SER A 283 24.69 -14.31 4.90
C SER A 283 24.28 -15.24 6.06
N GLN A 284 23.95 -14.65 7.21
CA GLN A 284 23.66 -15.41 8.42
C GLN A 284 22.17 -15.51 8.74
N ALA A 285 21.73 -16.71 9.08
CA ALA A 285 20.39 -16.91 9.59
C ALA A 285 20.21 -16.15 10.91
N GLY A 286 19.08 -15.44 11.03
CA GLY A 286 18.72 -14.81 12.29
C GLY A 286 18.34 -15.81 13.38
N THR A 287 18.40 -15.34 14.61
CA THR A 287 18.09 -16.16 15.79
C THR A 287 16.82 -15.63 16.44
N GLY A 288 16.15 -14.71 15.77
CA GLY A 288 14.90 -14.15 16.27
C GLY A 288 14.85 -12.69 15.90
N TYR A 289 14.95 -11.81 16.89
CA TYR A 289 14.78 -10.41 16.63
C TYR A 289 15.99 -9.72 15.99
N ASP A 290 17.14 -10.40 15.90
CA ASP A 290 18.23 -9.87 15.07
C ASP A 290 17.91 -9.82 13.55
N ALA A 291 16.80 -10.44 13.15
CA ALA A 291 16.29 -10.38 11.78
C ALA A 291 15.22 -9.29 11.57
N ALA A 292 14.97 -8.49 12.60
CA ALA A 292 13.99 -7.42 12.52
C ALA A 292 14.66 -6.10 12.19
N HIS A 293 14.27 -5.48 11.06
CA HIS A 293 14.66 -4.12 10.78
C HIS A 293 13.71 -3.10 11.43
N TYR A 294 12.55 -3.56 11.91
CA TYR A 294 11.53 -2.69 12.56
C TYR A 294 10.93 -1.59 11.68
N LEU A 295 11.08 -1.73 10.36
CA LEU A 295 10.40 -0.85 9.43
C LEU A 295 9.20 -1.55 8.80
N LEU A 296 8.26 -0.76 8.30
CA LEU A 296 7.18 -1.32 7.49
C LEU A 296 7.72 -1.60 6.10
N SER A 297 8.01 -2.88 5.82
CA SER A 297 8.60 -3.28 4.54
C SER A 297 7.51 -3.43 3.50
N TRP A 298 7.88 -3.82 2.27
CA TRP A 298 6.94 -3.81 1.16
C TRP A 298 5.81 -4.83 1.35
N TYR A 299 6.02 -5.91 2.12
CA TYR A 299 4.96 -6.92 2.29
C TYR A 299 5.32 -7.89 3.38
N TYR A 300 4.31 -8.62 3.84
CA TYR A 300 4.59 -9.96 4.33
C TYR A 300 3.62 -10.85 3.57
N ALA A 301 3.92 -12.14 3.55
CA ALA A 301 3.12 -13.05 2.74
C ALA A 301 3.08 -14.39 3.42
N TRP A 302 2.03 -15.16 3.15
CA TRP A 302 1.94 -16.48 3.77
C TRP A 302 1.16 -17.39 2.88
N GLY A 303 1.29 -18.70 3.11
CA GLY A 303 0.50 -19.64 2.31
C GLY A 303 0.68 -21.05 2.83
N GLY A 304 0.13 -22.02 2.12
CA GLY A 304 0.20 -23.38 2.62
C GLY A 304 -0.55 -24.33 1.73
N GLY A 305 -0.55 -25.61 2.11
CA GLY A 305 -1.16 -26.63 1.29
C GLY A 305 -2.67 -26.68 1.36
N ILE A 306 -3.28 -27.02 0.23
CA ILE A 306 -4.73 -27.27 0.16
C ILE A 306 -5.07 -28.75 0.45
N ASP A 307 -4.32 -29.67 -0.15
CA ASP A 307 -4.64 -31.08 0.04
C ASP A 307 -3.61 -31.84 0.91
N SER A 308 -2.59 -31.13 1.37
CA SER A 308 -1.76 -31.62 2.45
C SER A 308 -1.41 -30.43 3.34
N THR A 309 -0.82 -30.69 4.51
CA THR A 309 -0.81 -29.72 5.59
C THR A 309 0.59 -29.23 5.80
N TRP A 310 0.85 -28.00 5.40
CA TRP A 310 2.16 -27.36 5.60
C TRP A 310 1.90 -25.89 5.33
N SER A 311 2.82 -25.04 5.76
CA SER A 311 2.65 -23.61 5.56
C SER A 311 3.96 -22.91 5.71
N TRP A 312 3.96 -21.62 5.36
CA TRP A 312 5.16 -20.81 5.32
C TRP A 312 4.72 -19.35 5.51
N ILE A 313 5.65 -18.53 5.99
CA ILE A 313 5.46 -17.07 6.09
C ILE A 313 6.78 -16.42 5.72
N ILE A 314 6.72 -15.29 4.99
CA ILE A 314 7.89 -14.50 4.75
C ILE A 314 7.61 -13.05 5.14
N GLY A 315 8.65 -12.34 5.51
CA GLY A 315 8.53 -10.86 5.62
C GLY A 315 9.07 -10.30 4.32
N SER A 316 9.78 -9.18 4.40
CA SER A 316 10.36 -8.55 3.22
C SER A 316 11.61 -7.80 3.64
N SER A 317 12.64 -7.89 2.78
CA SER A 317 13.91 -7.25 3.03
C SER A 317 13.96 -5.82 2.52
N HIS A 318 12.97 -5.41 1.72
CA HIS A 318 13.01 -4.15 0.97
C HIS A 318 12.11 -3.12 1.65
N ASN A 319 12.67 -1.94 1.96
CA ASN A 319 11.91 -0.92 2.69
C ASN A 319 11.85 0.37 1.91
N HIS A 320 10.65 0.95 1.85
CA HIS A 320 10.45 2.23 1.15
C HIS A 320 9.96 3.22 2.19
N PHE A 321 10.47 4.46 2.17
CA PHE A 321 9.99 5.48 3.11
C PHE A 321 8.47 5.73 2.96
N GLY A 322 7.95 5.52 1.76
CA GLY A 322 6.54 5.78 1.44
C GLY A 322 5.56 4.99 2.25
N TYR A 323 6.01 3.85 2.78
CA TYR A 323 5.17 2.94 3.53
C TYR A 323 5.14 3.21 5.01
N GLN A 324 6.09 4.00 5.50
CA GLN A 324 6.23 4.12 6.95
C GLN A 324 5.02 4.81 7.55
N ASN A 325 4.73 4.54 8.81
CA ASN A 325 3.60 5.17 9.51
C ASN A 325 3.93 5.28 11.00
N PRO A 326 4.66 6.36 11.37
CA PRO A 326 5.02 6.63 12.76
C PRO A 326 3.81 6.92 13.64
N PHE A 327 2.74 7.44 13.05
CA PHE A 327 1.51 7.67 13.78
C PHE A 327 0.91 6.34 14.26
N ALA A 328 0.75 5.39 13.34
CA ALA A 328 0.25 4.06 13.73
C ALA A 328 1.17 3.46 14.80
N ALA A 329 2.48 3.61 14.63
CA ALA A 329 3.41 3.05 15.60
C ALA A 329 3.29 3.72 16.97
N TRP A 330 3.08 5.04 16.99
CA TRP A 330 2.80 5.75 18.24
C TRP A 330 1.53 5.21 18.92
N VAL A 331 0.46 5.03 18.15
CA VAL A 331 -0.83 4.55 18.65
C VAL A 331 -0.70 3.18 19.33
N LEU A 332 -0.07 2.25 18.63
CA LEU A 332 0.00 0.86 19.08
C LEU A 332 0.97 0.69 20.25
N SER A 333 1.96 1.57 20.36
CA SER A 333 2.92 1.48 21.43
C SER A 333 2.56 2.30 22.66
N THR A 334 1.68 3.29 22.52
CA THR A 334 1.44 4.19 23.65
C THR A 334 0.00 4.26 24.13
N ASP A 335 -0.97 4.10 23.23
CA ASP A 335 -2.35 4.27 23.64
C ASP A 335 -2.88 2.98 24.25
N ALA A 336 -3.40 3.06 25.48
CA ALA A 336 -3.76 1.85 26.21
C ALA A 336 -4.93 1.11 25.57
N ASN A 337 -5.82 1.84 24.88
CA ASN A 337 -6.95 1.19 24.20
C ASN A 337 -6.51 0.39 22.97
N PHE A 338 -5.30 0.67 22.47
CA PHE A 338 -4.78 -0.02 21.28
C PHE A 338 -3.56 -0.90 21.57
N LYS A 339 -3.35 -1.28 22.83
CA LYS A 339 -2.24 -2.16 23.18
C LYS A 339 -2.55 -3.56 22.65
N PRO A 340 -1.69 -4.10 21.77
CA PRO A 340 -1.90 -5.45 21.26
C PRO A 340 -1.81 -6.51 22.36
N LYS A 341 -2.54 -7.61 22.18
CA LYS A 341 -2.60 -8.65 23.20
C LYS A 341 -1.30 -9.42 23.35
N SER A 342 -0.51 -9.52 22.28
CA SER A 342 0.70 -10.32 22.34
C SER A 342 1.66 -9.75 23.39
N SER A 343 2.56 -10.60 23.88
CA SER A 343 3.49 -10.17 24.93
C SER A 343 4.36 -8.99 24.49
N ASN A 344 4.86 -9.02 23.25
CA ASN A 344 5.81 -8.01 22.77
C ASN A 344 5.26 -7.00 21.75
N GLY A 345 3.96 -7.06 21.45
CA GLY A 345 3.32 -6.16 20.46
C GLY A 345 3.66 -4.69 20.68
N ALA A 346 3.32 -4.17 21.85
CA ALA A 346 3.51 -2.74 22.11
C ALA A 346 4.99 -2.29 22.12
N SER A 347 5.86 -3.11 22.71
CA SER A 347 7.29 -2.76 22.76
C SER A 347 7.98 -2.85 21.39
N ASP A 348 7.53 -3.78 20.55
CA ASP A 348 8.04 -3.88 19.17
C ASP A 348 7.67 -2.62 18.38
N TRP A 349 6.42 -2.17 18.54
CA TRP A 349 5.97 -0.94 17.90
C TRP A 349 6.69 0.31 18.41
N ALA A 350 7.08 0.31 19.70
CA ALA A 350 7.88 1.39 20.29
C ALA A 350 9.22 1.48 19.60
N LYS A 351 9.86 0.34 19.39
CA LYS A 351 11.12 0.25 18.66
C LYS A 351 10.95 0.69 17.20
N SER A 352 9.87 0.24 16.57
CA SER A 352 9.57 0.69 15.21
C SER A 352 9.39 2.20 15.10
N LEU A 353 8.66 2.83 16.01
CA LEU A 353 8.50 4.28 15.97
C LEU A 353 9.88 4.98 15.91
N ASP A 354 10.77 4.63 16.83
CA ASP A 354 12.14 5.18 16.83
C ASP A 354 12.89 4.91 15.55
N ARG A 355 12.83 3.66 15.07
CA ARG A 355 13.56 3.25 13.85
C ARG A 355 13.06 4.00 12.59
N GLN A 356 11.74 4.12 12.49
CA GLN A 356 11.11 4.76 11.34
C GLN A 356 11.55 6.23 11.25
N LEU A 357 11.54 6.93 12.38
CA LEU A 357 11.95 8.36 12.39
C LEU A 357 13.41 8.55 12.02
N GLU A 358 14.25 7.58 12.41
CA GLU A 358 15.64 7.58 11.96
C GLU A 358 15.73 7.40 10.47
N PHE A 359 14.93 6.48 9.94
CA PHE A 359 14.89 6.16 8.50
C PHE A 359 14.51 7.38 7.65
N TYR A 360 13.45 8.10 8.04
CA TYR A 360 13.06 9.31 7.31
C TYR A 360 14.20 10.34 7.30
N GLN A 361 14.85 10.50 8.45
CA GLN A 361 15.89 11.53 8.55
C GLN A 361 17.12 11.16 7.74
N TRP A 362 17.51 9.89 7.79
CA TRP A 362 18.60 9.38 6.94
C TRP A 362 18.36 9.68 5.44
N LEU A 363 17.10 9.52 5.02
CA LEU A 363 16.76 9.66 3.61
C LEU A 363 16.43 11.09 3.15
N GLN A 364 16.43 12.05 4.07
CA GLN A 364 16.00 13.41 3.73
C GLN A 364 17.08 14.11 2.90
N SER A 365 16.72 14.52 1.69
CA SER A 365 17.70 15.13 0.79
C SER A 365 18.12 16.55 1.21
N ALA A 366 19.14 17.07 0.53
CA ALA A 366 19.59 18.45 0.75
C ALA A 366 18.43 19.46 0.64
N GLU A 367 17.55 19.26 -0.35
CA GLU A 367 16.39 20.12 -0.54
C GLU A 367 15.26 19.85 0.45
N GLY A 368 15.09 18.59 0.85
CA GLY A 368 14.07 18.25 1.85
C GLY A 368 13.10 17.11 1.51
N ALA A 369 12.98 16.77 0.24
CA ALA A 369 12.23 15.56 -0.22
C ALA A 369 12.91 14.30 0.33
N ILE A 370 12.13 13.24 0.54
CA ILE A 370 12.64 12.02 1.17
C ILE A 370 13.00 11.03 0.08
N ALA A 371 14.25 10.54 0.09
CA ALA A 371 14.72 9.51 -0.86
C ALA A 371 14.15 8.11 -0.57
N GLY A 372 14.47 7.14 -1.44
CA GLY A 372 13.70 5.89 -1.55
C GLY A 372 13.68 4.99 -0.33
N GLY A 373 14.81 4.40 0.01
CA GLY A 373 14.79 3.43 1.11
C GLY A 373 16.05 2.60 1.19
N ALA A 374 15.92 1.36 1.65
CA ALA A 374 17.07 0.47 1.85
C ALA A 374 16.63 -0.97 1.77
N THR A 375 17.59 -1.86 1.55
CA THR A 375 17.31 -3.30 1.51
C THR A 375 18.34 -4.07 2.33
N ASN A 376 17.88 -5.15 2.95
CA ASN A 376 18.76 -6.09 3.55
C ASN A 376 19.16 -7.21 2.56
N SER A 377 18.61 -7.16 1.36
CA SER A 377 18.90 -8.22 0.40
C SER A 377 19.29 -7.63 -0.94
N TRP A 378 20.58 -7.36 -1.10
CA TRP A 378 21.05 -6.68 -2.31
C TRP A 378 20.75 -7.55 -3.54
N ASN A 379 20.08 -6.96 -4.52
CA ASN A 379 19.61 -7.66 -5.70
C ASN A 379 18.64 -8.79 -5.39
N GLY A 380 18.11 -8.81 -4.18
CA GLY A 380 17.13 -9.83 -3.79
C GLY A 380 17.73 -11.23 -3.67
N ARG A 381 19.05 -11.30 -3.61
CA ARG A 381 19.77 -12.55 -3.46
C ARG A 381 20.84 -12.47 -2.35
N TYR A 382 20.70 -11.50 -1.45
CA TYR A 382 21.66 -11.32 -0.35
C TYR A 382 23.09 -11.19 -0.89
N GLU A 383 23.26 -10.48 -1.99
CA GLU A 383 24.59 -10.28 -2.56
C GLU A 383 25.33 -9.25 -1.74
N ALA A 384 26.64 -9.15 -1.97
CA ALA A 384 27.48 -8.17 -1.30
C ALA A 384 27.09 -6.77 -1.74
N VAL A 385 26.98 -5.87 -0.77
CA VAL A 385 26.74 -4.47 -1.07
C VAL A 385 28.03 -3.90 -1.61
N PRO A 386 27.99 -3.29 -2.81
CA PRO A 386 29.12 -2.59 -3.43
C PRO A 386 29.75 -1.61 -2.44
N SER A 387 31.07 -1.54 -2.44
CA SER A 387 31.77 -0.52 -1.64
C SER A 387 31.32 0.86 -2.07
N GLY A 388 31.23 1.77 -1.12
CA GLY A 388 30.78 3.11 -1.46
C GLY A 388 29.27 3.31 -1.40
N THR A 389 28.50 2.22 -1.29
CA THR A 389 27.06 2.34 -1.09
C THR A 389 26.78 2.74 0.34
N SER A 390 25.97 3.77 0.54
CA SER A 390 25.62 4.18 1.89
C SER A 390 24.67 3.17 2.52
N THR A 391 24.71 3.08 3.86
CA THR A 391 23.96 2.05 4.57
C THR A 391 23.20 2.64 5.77
N PHE A 392 22.16 1.93 6.20
CA PHE A 392 21.38 2.30 7.38
C PHE A 392 21.23 1.00 8.18
N TYR A 393 21.92 0.87 9.31
CA TYR A 393 21.92 -0.38 10.09
C TYR A 393 22.35 -1.57 9.23
N GLY A 394 23.29 -1.32 8.33
CA GLY A 394 23.86 -2.34 7.50
C GLY A 394 23.09 -2.64 6.23
N MET A 395 21.94 -1.98 6.07
CA MET A 395 21.16 -2.12 4.83
C MET A 395 21.59 -1.07 3.83
N GLY A 396 21.80 -1.49 2.58
CA GLY A 396 22.26 -0.59 1.52
C GLY A 396 21.11 0.29 1.01
N TYR A 397 21.45 1.54 0.81
CA TYR A 397 20.55 2.50 0.16
C TYR A 397 20.10 2.03 -1.21
N VAL A 398 18.81 2.19 -1.49
CA VAL A 398 18.31 1.96 -2.83
C VAL A 398 17.43 3.13 -3.23
N GLU A 399 17.71 3.68 -4.40
CA GLU A 399 17.02 4.85 -4.88
C GLU A 399 15.54 4.55 -5.20
N ASN A 400 15.28 3.37 -5.76
CA ASN A 400 13.94 2.94 -6.10
C ASN A 400 13.69 1.54 -5.55
N PRO A 401 13.29 1.46 -4.25
CA PRO A 401 13.04 0.14 -3.64
C PRO A 401 12.02 -0.68 -4.41
N VAL A 402 12.31 -1.97 -4.56
CA VAL A 402 11.37 -3.00 -5.03
C VAL A 402 11.01 -2.96 -6.52
N TYR A 403 10.63 -1.79 -7.06
CA TYR A 403 10.23 -1.65 -8.49
C TYR A 403 11.06 -0.64 -9.26
N ALA A 404 11.41 -1.02 -10.50
CA ALA A 404 12.15 -0.14 -11.42
C ALA A 404 11.34 0.23 -12.67
N ASP A 405 10.14 -0.34 -12.84
CA ASP A 405 9.30 -0.13 -14.05
C ASP A 405 7.85 0.27 -13.68
N PRO A 406 7.60 1.56 -13.39
CA PRO A 406 8.54 2.67 -13.27
C PRO A 406 9.20 2.64 -11.88
N GLY A 407 10.23 3.46 -11.67
CA GLY A 407 10.88 3.58 -10.34
C GLY A 407 9.88 3.90 -9.24
N SER A 408 9.91 3.15 -8.14
CA SER A 408 8.91 3.28 -7.05
C SER A 408 9.02 4.62 -6.29
N ASN A 409 10.16 5.30 -6.42
CA ASN A 409 10.27 6.66 -5.87
C ASN A 409 10.37 7.79 -6.93
N THR A 410 9.79 7.59 -8.10
CA THR A 410 9.80 8.65 -9.12
C THR A 410 8.48 9.42 -9.14
N TRP A 411 7.53 8.97 -8.30
CA TRP A 411 6.22 9.61 -8.20
C TRP A 411 6.14 10.41 -6.89
N PHE A 412 5.70 11.66 -7.01
CA PHE A 412 5.58 12.59 -5.86
C PHE A 412 4.61 12.08 -4.78
N GLY A 413 3.59 11.34 -5.19
CA GLY A 413 2.61 10.80 -4.26
C GLY A 413 3.14 10.14 -3.00
N MET A 414 4.24 9.40 -3.11
CA MET A 414 4.82 8.77 -1.91
C MET A 414 5.21 9.83 -0.86
N GLN A 415 5.69 11.00 -1.31
CA GLN A 415 6.10 12.06 -0.37
C GLN A 415 4.94 12.45 0.53
N VAL A 416 3.79 12.68 -0.06
CA VAL A 416 2.66 13.22 0.72
C VAL A 416 1.97 12.17 1.56
N TRP A 417 1.73 10.99 0.98
CA TRP A 417 1.13 9.93 1.76
C TRP A 417 1.90 9.68 3.06
N SER A 418 3.22 9.65 2.93
CA SER A 418 4.05 9.28 4.07
C SER A 418 4.25 10.45 5.03
N MET A 419 4.54 11.65 4.50
CA MET A 419 4.77 12.79 5.38
C MET A 419 3.50 13.22 6.09
N GLN A 420 2.34 12.91 5.50
CA GLN A 420 1.05 13.16 6.19
C GLN A 420 1.00 12.51 7.57
N ARG A 421 1.59 11.32 7.70
CA ARG A 421 1.54 10.58 8.96
C ARG A 421 2.50 11.21 9.95
N VAL A 422 3.65 11.67 9.46
CA VAL A 422 4.61 12.42 10.32
C VAL A 422 3.93 13.69 10.84
N ALA A 423 3.13 14.35 9.98
CA ALA A 423 2.38 15.55 10.40
C ALA A 423 1.32 15.26 11.46
N GLU A 424 0.61 14.13 11.36
CA GLU A 424 -0.30 13.76 12.46
C GLU A 424 0.42 13.51 13.80
N LEU A 425 1.54 12.79 13.73
CA LEU A 425 2.38 12.52 14.91
C LEU A 425 2.84 13.84 15.55
N TYR A 426 3.33 14.75 14.71
CA TYR A 426 3.82 16.05 15.17
C TYR A 426 2.67 16.84 15.79
N TYR A 427 1.51 16.82 15.15
CA TYR A 427 0.35 17.52 15.68
C TYR A 427 -0.02 16.98 17.05
N LYS A 428 0.01 15.66 17.19
CA LYS A 428 -0.44 15.01 18.42
C LYS A 428 0.56 15.12 19.57
N THR A 429 1.86 15.06 19.27
CA THR A 429 2.85 14.88 20.31
C THR A 429 3.87 16.00 20.38
N GLY A 430 3.91 16.87 19.37
CA GLY A 430 4.97 17.85 19.23
C GLY A 430 6.37 17.25 19.12
N ASP A 431 6.47 15.96 18.78
CA ASP A 431 7.77 15.29 18.66
C ASP A 431 8.81 16.09 17.85
N ALA A 432 9.96 16.32 18.46
CA ALA A 432 11.06 17.12 17.89
C ALA A 432 11.61 16.54 16.62
N ARG A 433 11.66 15.21 16.55
CA ARG A 433 12.16 14.55 15.35
C ARG A 433 11.25 14.82 14.15
N ALA A 434 9.95 14.78 14.41
CA ALA A 434 8.94 15.01 13.40
C ALA A 434 8.99 16.49 12.97
N LYS A 435 9.16 17.40 13.93
CA LYS A 435 9.27 18.84 13.63
C LYS A 435 10.39 19.11 12.63
N LYS A 436 11.56 18.61 12.95
CA LYS A 436 12.75 18.79 12.14
C LYS A 436 12.55 18.32 10.70
N LEU A 437 12.00 17.11 10.54
CA LEU A 437 11.68 16.61 9.21
C LEU A 437 10.74 17.52 8.47
N LEU A 438 9.65 17.91 9.12
CA LEU A 438 8.60 18.66 8.47
C LEU A 438 9.02 20.08 8.13
N ASP A 439 9.74 20.76 9.05
CA ASP A 439 10.22 22.12 8.76
C ASP A 439 10.93 22.19 7.42
N LYS A 440 11.86 21.29 7.18
CA LYS A 440 12.61 21.29 5.94
C LYS A 440 11.77 20.78 4.74
N TRP A 441 10.99 19.71 4.93
CA TRP A 441 10.17 19.18 3.85
C TRP A 441 9.10 20.18 3.41
N ALA A 442 8.38 20.76 4.36
CA ALA A 442 7.36 21.74 4.04
C ALA A 442 7.94 22.96 3.32
N LYS A 443 9.18 23.34 3.65
CA LYS A 443 9.78 24.50 3.02
C LYS A 443 10.08 24.17 1.58
N TRP A 444 10.56 22.95 1.35
CA TRP A 444 10.76 22.47 0.00
C TRP A 444 9.47 22.52 -0.84
N ILE A 445 8.41 21.89 -0.34
CA ILE A 445 7.22 21.69 -1.17
C ILE A 445 6.40 22.99 -1.35
N ASN A 446 6.42 23.87 -0.35
CA ASN A 446 5.77 25.18 -0.50
C ASN A 446 6.41 26.03 -1.60
N GLY A 447 7.67 25.76 -1.90
CA GLY A 447 8.33 26.41 -3.03
C GLY A 447 8.00 25.77 -4.38
N GLU A 448 7.27 24.65 -4.38
CA GLU A 448 7.02 23.92 -5.62
C GLU A 448 5.54 23.87 -6.03
N ILE A 449 4.69 24.57 -5.29
CA ILE A 449 3.27 24.65 -5.62
C ILE A 449 3.06 25.88 -6.55
N LYS A 450 2.41 25.70 -7.70
CA LYS A 450 2.24 26.84 -8.61
C LYS A 450 0.75 27.09 -8.84
N PHE A 451 0.28 28.28 -8.49
CA PHE A 451 -1.10 28.66 -8.74
C PHE A 451 -1.21 29.53 -9.98
N ASN A 452 -2.10 29.16 -10.88
CA ASN A 452 -2.31 29.89 -12.14
C ASN A 452 -3.43 30.92 -12.01
N ALA A 453 -3.41 31.93 -12.89
CA ALA A 453 -4.38 33.04 -12.85
C ALA A 453 -5.81 32.60 -13.05
N ASP A 454 -6.02 31.46 -13.73
CA ASP A 454 -7.36 30.95 -13.98
C ASP A 454 -7.91 30.04 -12.86
N GLY A 455 -7.20 30.01 -11.73
CA GLY A 455 -7.65 29.20 -10.60
C GLY A 455 -7.14 27.77 -10.61
N THR A 456 -6.39 27.41 -11.66
CA THR A 456 -5.82 26.06 -11.70
C THR A 456 -4.45 26.06 -11.03
N PHE A 457 -3.85 24.87 -10.89
CA PHE A 457 -2.61 24.77 -10.11
C PHE A 457 -1.80 23.59 -10.59
N GLN A 458 -0.53 23.60 -10.24
CA GLN A 458 0.34 22.48 -10.51
C GLN A 458 1.20 22.19 -9.30
N ILE A 459 1.49 20.90 -9.13
CA ILE A 459 2.42 20.42 -8.11
C ILE A 459 3.32 19.37 -8.76
N PRO A 460 4.45 19.02 -8.12
CA PRO A 460 5.33 18.03 -8.75
C PRO A 460 4.60 16.71 -9.01
N SER A 461 4.94 16.06 -10.11
CA SER A 461 4.36 14.77 -10.45
C SER A 461 5.46 13.71 -10.51
N THR A 462 6.38 13.83 -11.48
CA THR A 462 7.50 12.90 -11.64
C THR A 462 8.76 13.58 -11.08
N ILE A 463 9.52 12.84 -10.27
CA ILE A 463 10.74 13.35 -9.66
C ILE A 463 11.90 12.37 -9.95
N ASP A 464 13.13 12.84 -9.77
CA ASP A 464 14.31 12.06 -10.04
C ASP A 464 15.32 12.41 -8.96
N TRP A 465 16.40 11.64 -8.91
CA TRP A 465 17.32 11.63 -7.78
C TRP A 465 18.76 11.55 -8.24
N GLU A 466 19.65 12.22 -7.51
CA GLU A 466 21.10 12.15 -7.71
C GLU A 466 21.77 11.92 -6.39
N GLY A 467 22.78 11.05 -6.38
CA GLY A 467 23.63 10.89 -5.22
C GLY A 467 23.04 9.89 -4.25
N GLN A 468 23.47 9.96 -3.01
CA GLN A 468 22.98 9.07 -1.99
C GLN A 468 23.09 9.74 -0.63
N PRO A 469 22.36 9.25 0.36
CA PRO A 469 22.55 9.84 1.66
C PRO A 469 23.90 9.41 2.27
N ASP A 470 24.33 10.13 3.29
CA ASP A 470 25.52 9.77 4.04
C ASP A 470 25.18 8.54 4.88
N THR A 471 26.15 7.65 5.09
CA THR A 471 25.93 6.47 5.93
C THR A 471 25.39 6.88 7.30
N TRP A 472 24.36 6.18 7.77
CA TRP A 472 23.69 6.62 8.98
C TRP A 472 24.51 6.24 10.21
N ASN A 473 24.77 7.25 11.05
CA ASN A 473 25.39 7.07 12.36
C ASN A 473 24.40 7.63 13.39
N PRO A 474 23.71 6.74 14.15
CA PRO A 474 22.60 7.11 15.04
C PRO A 474 23.04 8.11 16.08
N THR A 475 24.33 8.13 16.35
CA THR A 475 24.87 9.03 17.37
C THR A 475 25.28 10.39 16.77
N GLN A 476 25.54 10.42 15.46
CA GLN A 476 25.84 11.66 14.74
C GLN A 476 24.55 12.32 14.29
N GLY A 477 23.58 11.50 13.91
CA GLY A 477 22.33 12.02 13.36
C GLY A 477 22.52 12.58 11.96
N TYR A 478 21.67 13.53 11.60
CA TYR A 478 21.56 14.02 10.24
C TYR A 478 22.72 14.90 9.85
N THR A 479 23.30 14.63 8.68
CA THR A 479 24.47 15.36 8.19
C THR A 479 24.07 16.50 7.27
N GLY A 480 22.81 16.47 6.82
CA GLY A 480 22.33 17.39 5.82
C GLY A 480 22.30 16.75 4.45
N ASN A 481 22.93 15.59 4.31
CA ASN A 481 23.01 14.87 3.03
C ASN A 481 23.25 15.79 1.84
N ALA A 482 24.37 16.52 1.90
CA ALA A 482 24.70 17.52 0.91
C ALA A 482 24.81 16.95 -0.49
N ASN A 483 25.13 15.67 -0.60
CA ASN A 483 25.25 15.01 -1.91
C ASN A 483 24.01 14.22 -2.37
N LEU A 484 22.90 14.37 -1.65
CA LEU A 484 21.62 13.78 -2.08
C LEU A 484 20.65 14.84 -2.57
N HIS A 485 20.25 14.75 -3.83
CA HIS A 485 19.40 15.78 -4.44
C HIS A 485 18.17 15.23 -5.14
N VAL A 486 17.06 15.92 -4.93
CA VAL A 486 15.84 15.65 -5.68
C VAL A 486 15.77 16.58 -6.88
N LYS A 487 15.17 16.11 -7.96
CA LYS A 487 14.89 16.95 -9.11
C LYS A 487 13.43 16.79 -9.47
N VAL A 488 12.73 17.90 -9.68
CA VAL A 488 11.38 17.83 -10.22
C VAL A 488 11.44 17.76 -11.74
N VAL A 489 10.98 16.64 -12.28
CA VAL A 489 11.05 16.36 -13.71
C VAL A 489 9.85 16.95 -14.45
N ASN A 490 8.65 16.70 -13.94
CA ASN A 490 7.48 17.43 -14.42
C ASN A 490 6.42 17.72 -13.33
N TYR A 491 5.46 18.56 -13.71
CA TYR A 491 4.40 19.00 -12.82
C TYR A 491 3.07 18.51 -13.39
N GLY A 492 2.06 18.41 -12.54
CA GLY A 492 0.75 18.02 -13.00
C GLY A 492 -0.29 18.49 -12.00
N THR A 493 -1.53 18.09 -12.25
CA THR A 493 -2.65 18.39 -11.37
C THR A 493 -3.24 17.09 -10.86
N ASP A 494 -2.45 16.34 -10.11
CA ASP A 494 -2.97 15.10 -9.56
C ASP A 494 -3.81 15.44 -8.31
N LEU A 495 -5.13 15.22 -8.40
CA LEU A 495 -6.04 15.67 -7.36
C LEU A 495 -5.92 14.86 -6.06
N GLY A 496 -5.52 13.61 -6.18
CA GLY A 496 -5.32 12.76 -4.98
C GLY A 496 -4.06 13.22 -4.27
N CYS A 497 -2.97 13.40 -5.01
CA CYS A 497 -1.75 13.94 -4.39
C CYS A 497 -1.99 15.34 -3.82
N ALA A 498 -2.72 16.20 -4.53
CA ALA A 498 -2.94 17.58 -4.01
C ALA A 498 -3.75 17.53 -2.72
N SER A 499 -4.66 16.58 -2.62
CA SER A 499 -5.49 16.42 -1.43
C SER A 499 -4.67 15.98 -0.24
N SER A 500 -3.86 14.94 -0.45
CA SER A 500 -2.93 14.47 0.57
C SER A 500 -1.94 15.57 1.00
N LEU A 501 -1.45 16.34 0.02
CA LEU A 501 -0.57 17.49 0.32
C LEU A 501 -1.28 18.52 1.22
N ALA A 502 -2.52 18.85 0.87
CA ALA A 502 -3.32 19.80 1.67
C ALA A 502 -3.49 19.30 3.10
N ASN A 503 -3.81 18.02 3.25
CA ASN A 503 -3.88 17.35 4.56
C ASN A 503 -2.57 17.49 5.38
N THR A 504 -1.45 17.12 4.78
CA THR A 504 -0.14 17.22 5.43
C THR A 504 0.17 18.66 5.92
N LEU A 505 -0.03 19.63 5.01
CA LEU A 505 0.24 21.04 5.30
C LEU A 505 -0.70 21.60 6.38
N THR A 506 -1.94 21.11 6.43
CA THR A 506 -2.93 21.51 7.45
C THR A 506 -2.55 21.04 8.86
N TYR A 507 -2.23 19.75 9.01
CA TYR A 507 -1.72 19.28 10.31
C TYR A 507 -0.46 20.01 10.72
N TYR A 508 0.46 20.19 9.79
CA TYR A 508 1.71 20.89 10.08
C TYR A 508 1.51 22.36 10.50
N ALA A 509 0.68 23.08 9.72
CA ALA A 509 0.35 24.47 10.02
C ALA A 509 -0.31 24.59 11.37
N ALA A 510 -1.28 23.72 11.67
CA ALA A 510 -2.00 23.78 12.95
C ALA A 510 -1.07 23.74 14.14
N LYS A 511 -0.01 22.94 14.03
CA LYS A 511 0.92 22.77 15.14
C LYS A 511 2.04 23.81 15.18
N SER A 512 2.56 24.20 14.01
CA SER A 512 3.75 25.01 13.91
C SER A 512 3.40 26.49 13.84
N GLY A 513 2.18 26.77 13.42
CA GLY A 513 1.71 28.12 13.12
C GLY A 513 2.21 28.70 11.80
N ASP A 514 2.76 27.86 10.93
CA ASP A 514 3.28 28.31 9.65
C ASP A 514 2.15 28.79 8.73
N GLU A 515 2.08 30.11 8.51
CA GLU A 515 1.00 30.69 7.71
C GLU A 515 1.03 30.27 6.24
N THR A 516 2.23 30.18 5.68
CA THR A 516 2.46 29.80 4.29
C THR A 516 1.89 28.41 4.02
N SER A 517 2.15 27.47 4.95
CA SER A 517 1.53 26.13 4.85
C SER A 517 0.02 26.16 4.93
N ARG A 518 -0.54 26.88 5.91
CA ARG A 518 -1.98 26.97 6.05
C ARG A 518 -2.66 27.56 4.81
N GLN A 519 -2.11 28.63 4.26
CA GLN A 519 -2.77 29.25 3.13
C GLN A 519 -2.62 28.43 1.84
N ASN A 520 -1.47 27.78 1.66
CA ASN A 520 -1.30 26.84 0.56
C ASN A 520 -2.30 25.68 0.64
N ALA A 521 -2.51 25.15 1.85
CA ALA A 521 -3.50 24.09 2.05
C ALA A 521 -4.90 24.56 1.67
N GLN A 522 -5.29 25.75 2.15
CA GLN A 522 -6.64 26.24 1.87
C GLN A 522 -6.81 26.54 0.39
N LYS A 523 -5.77 27.10 -0.24
CA LYS A 523 -5.81 27.46 -1.66
C LYS A 523 -5.96 26.22 -2.55
N LEU A 524 -5.25 25.15 -2.21
CA LEU A 524 -5.41 23.86 -2.88
C LEU A 524 -6.84 23.36 -2.74
N LEU A 525 -7.34 23.30 -1.52
CA LEU A 525 -8.70 22.82 -1.29
C LEU A 525 -9.74 23.63 -2.06
N ASP A 526 -9.62 24.96 -2.01
CA ASP A 526 -10.53 25.86 -2.73
C ASP A 526 -10.47 25.69 -4.25
N ALA A 527 -9.26 25.61 -4.79
CA ALA A 527 -9.06 25.43 -6.22
C ALA A 527 -9.72 24.15 -6.72
N MET A 528 -9.53 23.06 -5.97
CA MET A 528 -10.14 21.78 -6.33
C MET A 528 -11.66 21.80 -6.28
N TRP A 529 -12.22 22.36 -5.20
CA TRP A 529 -13.66 22.53 -5.06
C TRP A 529 -14.26 23.40 -6.19
N ASN A 530 -13.67 24.58 -6.40
CA ASN A 530 -14.22 25.52 -7.37
C ASN A 530 -14.02 25.12 -8.82
N ASN A 531 -12.86 24.53 -9.14
CA ASN A 531 -12.50 24.32 -10.53
C ASN A 531 -12.59 22.88 -11.06
N TYR A 532 -12.70 21.90 -10.17
CA TYR A 532 -12.64 20.49 -10.57
C TYR A 532 -13.81 19.64 -10.12
N SER A 533 -14.82 20.26 -9.52
CA SER A 533 -15.99 19.53 -9.06
C SER A 533 -16.76 18.95 -10.24
N ASP A 534 -17.31 17.77 -10.05
CA ASP A 534 -18.22 17.20 -11.04
C ASP A 534 -19.30 16.45 -10.27
N SER A 535 -20.22 15.81 -10.97
CA SER A 535 -21.33 15.19 -10.26
C SER A 535 -20.92 13.97 -9.44
N LYS A 536 -19.70 13.45 -9.65
CA LYS A 536 -19.25 12.25 -8.93
C LYS A 536 -18.22 12.51 -7.84
N GLY A 537 -17.75 13.75 -7.75
CA GLY A 537 -16.72 14.12 -6.78
C GLY A 537 -15.87 15.20 -7.44
N ILE A 538 -14.60 14.90 -7.67
CA ILE A 538 -13.77 15.81 -8.41
C ILE A 538 -13.03 15.04 -9.50
N SER A 539 -12.63 15.73 -10.57
CA SER A 539 -11.83 15.06 -11.61
C SER A 539 -11.19 16.06 -12.52
N THR A 540 -10.21 15.56 -13.27
CA THR A 540 -9.58 16.34 -14.30
C THR A 540 -9.23 15.36 -15.42
N VAL A 541 -8.94 15.88 -16.60
CA VAL A 541 -8.49 15.04 -17.70
C VAL A 541 -7.00 14.79 -17.54
N GLU A 542 -6.59 13.53 -17.66
CA GLU A 542 -5.17 13.19 -17.59
C GLU A 542 -4.72 12.32 -18.75
N GLN A 543 -3.46 12.48 -19.13
CA GLN A 543 -2.86 11.68 -20.19
C GLN A 543 -2.45 10.34 -19.63
N ARG A 544 -2.75 9.26 -20.37
CA ARG A 544 -2.39 7.91 -19.93
C ARG A 544 -1.25 7.45 -20.83
N GLY A 545 -0.06 7.93 -20.48
CA GLY A 545 1.15 7.74 -21.27
C GLY A 545 1.63 6.33 -21.50
N ASP A 546 1.28 5.39 -20.62
CA ASP A 546 1.68 3.98 -20.74
C ASP A 546 0.66 3.10 -21.43
N TYR A 547 -0.48 3.66 -21.83
CA TYR A 547 -1.57 2.84 -22.34
C TYR A 547 -1.25 2.16 -23.67
N HIS A 548 -0.23 2.65 -24.40
CA HIS A 548 0.28 1.91 -25.58
C HIS A 548 0.67 0.47 -25.20
N ARG A 549 1.01 0.26 -23.91
CA ARG A 549 1.40 -1.07 -23.44
C ARG A 549 0.27 -2.12 -23.48
N PHE A 550 -1.00 -1.68 -23.51
CA PHE A 550 -2.11 -2.59 -23.71
C PHE A 550 -1.85 -3.48 -24.92
N LEU A 551 -1.39 -2.85 -26.00
CA LEU A 551 -1.25 -3.53 -27.28
C LEU A 551 0.17 -3.97 -27.55
N ASP A 552 1.14 -3.28 -27.00
CA ASP A 552 2.51 -3.58 -27.42
C ASP A 552 3.42 -4.26 -26.37
N GLN A 553 2.90 -4.49 -25.17
CA GLN A 553 3.73 -5.10 -24.12
C GLN A 553 3.68 -6.61 -24.22
N GLU A 554 4.81 -7.24 -24.54
CA GLU A 554 4.86 -8.70 -24.51
C GLU A 554 4.92 -9.18 -23.06
N VAL A 555 4.20 -10.25 -22.76
CA VAL A 555 4.25 -10.86 -21.44
C VAL A 555 5.12 -12.13 -21.54
N PHE A 556 6.07 -12.27 -20.62
CA PHE A 556 6.96 -13.44 -20.65
C PHE A 556 6.27 -14.69 -20.17
N VAL A 557 6.40 -15.77 -20.94
CA VAL A 557 5.88 -17.09 -20.58
C VAL A 557 7.05 -18.05 -20.86
N PRO A 558 7.43 -18.89 -19.88
CA PRO A 558 8.57 -19.84 -20.04
C PRO A 558 8.40 -20.75 -21.25
N ALA A 559 9.52 -21.17 -21.84
CA ALA A 559 9.48 -22.01 -23.04
C ALA A 559 8.69 -23.28 -22.77
N GLY A 560 7.77 -23.59 -23.66
CA GLY A 560 7.01 -24.83 -23.57
C GLY A 560 5.80 -24.81 -22.64
N TRP A 561 5.65 -23.73 -21.88
CA TRP A 561 4.53 -23.65 -20.92
C TRP A 561 3.32 -23.15 -21.69
N THR A 562 2.19 -23.83 -21.56
CA THR A 562 0.96 -23.33 -22.16
C THR A 562 -0.15 -23.51 -21.14
N GLY A 563 -1.13 -22.60 -21.16
CA GLY A 563 -2.30 -22.75 -20.30
C GLY A 563 -3.43 -21.87 -20.79
N LYS A 564 -4.52 -21.83 -20.05
CA LYS A 564 -5.62 -20.95 -20.44
C LYS A 564 -6.12 -20.16 -19.23
N MET A 565 -6.53 -18.92 -19.47
CA MET A 565 -7.29 -18.16 -18.48
C MET A 565 -8.70 -18.75 -18.41
N PRO A 566 -9.45 -18.52 -17.33
CA PRO A 566 -10.82 -19.05 -17.26
C PRO A 566 -11.75 -18.75 -18.44
N ASN A 567 -11.60 -17.59 -19.10
CA ASN A 567 -12.41 -17.27 -20.28
C ASN A 567 -11.92 -17.92 -21.58
N GLY A 568 -10.87 -18.73 -21.49
CA GLY A 568 -10.33 -19.44 -22.67
C GLY A 568 -9.16 -18.77 -23.34
N ASP A 569 -8.77 -17.58 -22.87
CA ASP A 569 -7.59 -16.90 -23.46
C ASP A 569 -6.35 -17.76 -23.26
N VAL A 570 -5.60 -17.98 -24.35
CA VAL A 570 -4.47 -18.88 -24.29
C VAL A 570 -3.26 -18.12 -23.77
N ILE A 571 -2.59 -18.72 -22.80
CA ILE A 571 -1.34 -18.20 -22.28
C ILE A 571 -0.19 -19.01 -22.86
N LYS A 572 0.66 -18.35 -23.64
CA LYS A 572 1.82 -19.00 -24.21
C LYS A 572 2.76 -17.93 -24.65
N SER A 573 4.01 -18.33 -24.87
CA SER A 573 5.03 -17.38 -25.32
C SER A 573 4.55 -16.57 -26.51
N GLY A 574 4.77 -15.26 -26.45
CA GLY A 574 4.33 -14.38 -27.53
C GLY A 574 3.14 -13.48 -27.20
N VAL A 575 2.38 -13.82 -26.16
CA VAL A 575 1.13 -13.11 -25.88
C VAL A 575 1.44 -11.68 -25.49
N LYS A 576 0.53 -10.77 -25.80
CA LYS A 576 0.63 -9.38 -25.30
C LYS A 576 -0.31 -9.21 -24.09
N PHE A 577 -0.21 -8.09 -23.41
CA PHE A 577 -1.09 -7.80 -22.26
C PHE A 577 -2.57 -8.09 -22.57
N ILE A 578 -3.04 -7.58 -23.71
CA ILE A 578 -4.45 -7.70 -24.05
C ILE A 578 -4.87 -9.15 -24.41
N ASP A 579 -3.91 -9.94 -24.88
CA ASP A 579 -4.23 -11.34 -25.29
C ASP A 579 -4.69 -12.23 -24.15
N ILE A 580 -4.24 -11.95 -22.93
CA ILE A 580 -4.71 -12.73 -21.79
C ILE A 580 -5.76 -11.99 -20.93
N ARG A 581 -6.32 -10.93 -21.50
CA ARG A 581 -7.40 -10.15 -20.86
C ARG A 581 -8.36 -9.69 -21.94
N SER A 582 -8.81 -10.63 -22.79
CA SER A 582 -9.58 -10.26 -23.99
C SER A 582 -10.94 -9.62 -23.68
N LYS A 583 -11.44 -9.80 -22.44
CA LYS A 583 -12.69 -9.14 -22.03
C LYS A 583 -12.58 -7.61 -22.03
N TYR A 584 -11.36 -7.09 -21.94
CA TYR A 584 -11.15 -5.66 -21.97
C TYR A 584 -11.65 -5.04 -23.26
N LYS A 585 -11.71 -5.82 -24.35
CA LYS A 585 -12.25 -5.30 -25.60
C LYS A 585 -13.74 -4.94 -25.56
N GLN A 586 -14.46 -5.47 -24.57
CA GLN A 586 -15.86 -5.13 -24.36
C GLN A 586 -16.07 -3.87 -23.46
N ASP A 587 -14.98 -3.26 -23.02
CA ASP A 587 -15.10 -2.11 -22.11
C ASP A 587 -15.69 -0.93 -22.90
N PRO A 588 -16.58 -0.13 -22.28
CA PRO A 588 -17.16 1.01 -23.01
C PRO A 588 -16.13 2.00 -23.56
N GLU A 589 -14.98 2.13 -22.89
CA GLU A 589 -13.90 3.02 -23.33
C GLU A 589 -12.87 2.41 -24.27
N TRP A 590 -12.95 1.11 -24.54
CA TRP A 590 -11.94 0.44 -25.37
C TRP A 590 -11.74 1.06 -26.77
N GLN A 591 -12.84 1.26 -27.51
CA GLN A 591 -12.74 1.77 -28.87
C GLN A 591 -12.17 3.17 -28.89
N THR A 592 -12.53 3.98 -27.89
CA THR A 592 -11.98 5.33 -27.77
C THR A 592 -10.48 5.29 -27.59
N MET A 593 -10.03 4.43 -26.68
N MET A 593 -9.99 4.45 -26.68
CA MET A 593 -8.61 4.26 -26.38
CA MET A 593 -8.54 4.37 -26.45
C MET A 593 -7.82 3.82 -27.62
C MET A 593 -7.79 3.85 -27.69
N VAL A 594 -8.31 2.80 -28.31
CA VAL A 594 -7.63 2.25 -29.49
C VAL A 594 -7.55 3.29 -30.64
N ALA A 595 -8.64 4.04 -30.85
CA ALA A 595 -8.67 5.09 -31.87
C ALA A 595 -7.56 6.10 -31.60
N ALA A 596 -7.40 6.50 -30.33
CA ALA A 596 -6.30 7.40 -29.95
C ALA A 596 -4.93 6.82 -30.35
N LEU A 597 -4.69 5.57 -29.97
CA LEU A 597 -3.41 4.94 -30.25
C LEU A 597 -3.14 4.83 -31.77
N GLN A 598 -4.17 4.44 -32.52
CA GLN A 598 -4.11 4.35 -33.99
C GLN A 598 -3.72 5.66 -34.67
N ALA A 599 -4.21 6.78 -34.13
CA ALA A 599 -3.82 8.12 -34.60
C ALA A 599 -2.49 8.62 -34.04
N GLY A 600 -1.76 7.77 -33.30
CA GLY A 600 -0.54 8.22 -32.61
C GLY A 600 -0.76 9.31 -31.57
N GLN A 601 -1.95 9.32 -30.96
CA GLN A 601 -2.25 10.23 -29.85
C GLN A 601 -2.03 9.50 -28.52
N VAL A 602 -1.79 10.25 -27.45
CA VAL A 602 -1.76 9.67 -26.11
C VAL A 602 -3.22 9.65 -25.64
N PRO A 603 -3.70 8.48 -25.19
CA PRO A 603 -5.08 8.47 -24.71
C PRO A 603 -5.24 9.34 -23.45
N THR A 604 -6.41 9.93 -23.28
CA THR A 604 -6.74 10.67 -22.05
C THR A 604 -7.92 10.02 -21.37
N GLN A 605 -8.01 10.18 -20.05
CA GLN A 605 -9.16 9.72 -19.30
C GLN A 605 -9.49 10.75 -18.23
N ARG A 606 -10.71 10.65 -17.73
CA ARG A 606 -11.14 11.46 -16.61
C ARG A 606 -11.56 10.47 -15.54
N LEU A 607 -10.79 10.37 -14.48
CA LEU A 607 -10.84 9.21 -13.59
C LEU A 607 -11.31 9.55 -12.20
N HIS A 608 -12.12 8.66 -11.62
CA HIS A 608 -12.57 8.84 -10.25
C HIS A 608 -12.02 7.67 -9.41
N ARG A 609 -10.79 7.81 -8.94
CA ARG A 609 -10.15 6.81 -8.09
C ARG A 609 -10.73 6.97 -6.68
N PHE A 610 -11.15 5.86 -6.09
CA PHE A 610 -11.73 5.88 -4.77
C PHE A 610 -10.79 6.52 -3.74
N TRP A 611 -9.50 6.14 -3.72
CA TRP A 611 -8.56 6.72 -2.75
C TRP A 611 -8.44 8.26 -2.89
N ALA A 612 -8.42 8.76 -4.13
CA ALA A 612 -8.28 10.20 -4.40
C ALA A 612 -9.49 10.99 -3.95
N GLN A 613 -10.69 10.47 -4.23
CA GLN A 613 -11.94 11.11 -3.78
C GLN A 613 -12.03 11.14 -2.26
N SER A 614 -11.72 10.01 -1.63
CA SER A 614 -11.65 9.94 -0.18
C SER A 614 -10.61 10.87 0.39
N GLU A 615 -9.42 10.90 -0.21
CA GLU A 615 -8.38 11.82 0.17
C GLU A 615 -8.89 13.27 0.18
N PHE A 616 -9.59 13.65 -0.87
CA PHE A 616 -10.10 15.02 -0.94
C PHE A 616 -11.15 15.27 0.15
N ALA A 617 -12.06 14.34 0.31
CA ALA A 617 -13.07 14.47 1.36
C ALA A 617 -12.41 14.61 2.74
N VAL A 618 -11.47 13.71 3.06
CA VAL A 618 -10.81 13.74 4.38
C VAL A 618 -10.02 15.04 4.57
N ALA A 619 -9.36 15.51 3.51
CA ALA A 619 -8.58 16.74 3.59
C ALA A 619 -9.48 17.97 3.95
N ASN A 620 -10.68 18.03 3.36
CA ASN A 620 -11.68 19.06 3.77
C ASN A 620 -12.06 18.93 5.24
N GLY A 621 -12.39 17.74 5.69
CA GLY A 621 -12.74 17.48 7.09
C GLY A 621 -11.63 17.86 8.05
N VAL A 622 -10.39 17.55 7.71
CA VAL A 622 -9.22 17.89 8.53
C VAL A 622 -9.09 19.42 8.67
N TYR A 623 -9.19 20.12 7.55
CA TYR A 623 -9.10 21.61 7.58
C TYR A 623 -10.22 22.19 8.44
N ALA A 624 -11.42 21.63 8.30
CA ALA A 624 -12.56 22.07 9.07
C ALA A 624 -12.39 21.92 10.59
N ILE A 625 -11.75 20.82 11.01
CA ILE A 625 -11.50 20.58 12.43
C ILE A 625 -10.37 21.42 12.99
N LEU A 626 -9.31 21.61 12.20
CA LEU A 626 -8.12 22.29 12.69
C LEU A 626 -8.17 23.80 12.54
N PHE A 627 -9.02 24.27 11.63
CA PHE A 627 -9.13 25.70 11.40
C PHE A 627 -10.59 26.16 11.41
N PRO A 628 -11.22 26.15 12.62
CA PRO A 628 -12.64 26.42 12.76
C PRO A 628 -13.04 27.86 12.40
N ASP A 629 -12.07 28.77 12.31
CA ASP A 629 -12.34 30.16 11.89
C ASP A 629 -11.76 30.51 10.51
C1 SGC B . 0.54 8.96 -12.01
O1 SGC B . 1.25 10.10 -12.39
C2 SGC B . 1.53 8.03 -11.31
O2 SGC B . 2.63 7.75 -12.19
C3 SGC B . 0.74 6.75 -10.98
O3 SGC B . 1.53 5.79 -10.25
C4 SGC B . -0.54 7.12 -10.17
C5 SGC B . -1.39 8.19 -10.88
O5 SGC B . -0.54 9.31 -11.11
C6 SGC B . -2.63 8.66 -10.08
O6 SGC B . -2.27 9.15 -8.81
S4 SGC B . -1.52 5.64 -9.88
C2 BGC B . -2.56 4.22 -7.88
C3 BGC B . -2.41 3.69 -6.44
C4 BGC B . -0.95 3.22 -6.16
C5 BGC B . 0.07 4.27 -6.62
C6 BGC B . 1.54 3.88 -6.44
C1 BGC B . -1.44 5.23 -8.11
O2 BGC B . -3.78 4.93 -8.08
O3 BGC B . -3.36 2.66 -6.18
O4 BGC B . -0.80 3.00 -4.76
O5 BGC B . -0.17 4.62 -7.97
O6 BGC B . 1.85 2.74 -7.23
C1 SGC B . -0.24 1.70 -4.62
C2 SGC B . 0.52 1.77 -3.33
O2 SGC B . 1.76 2.43 -3.61
C3 SGC B . 0.75 0.34 -2.88
O3 SGC B . 1.17 0.35 -1.52
C4 SGC B . -0.54 -0.46 -2.96
C5 SGC B . -1.11 -0.54 -4.35
O5 SGC B . -1.25 0.76 -4.83
C6 SGC B . -2.56 -0.94 -4.16
O6 SGC B . -3.26 -0.57 -5.35
S4 SGC B . -0.19 -2.11 -2.43
C2 BGC B . 1.95 -3.20 -4.30
C3 BGC B . 2.32 -4.53 -4.98
C4 BGC B . 2.33 -5.75 -4.04
C5 BGC B . 1.09 -5.69 -3.13
C6 BGC B . 1.16 -6.62 -1.93
C1 BGC B . 0.67 -3.34 -3.50
O2 BGC B . 1.77 -2.19 -5.25
O3 BGC B . 3.60 -4.39 -5.58
O4 BGC B . 2.39 -6.97 -4.80
O5 BGC B . 0.88 -4.39 -2.57
O6 BGC B . 2.20 -6.16 -1.10
C1 SGC B . 3.29 -7.86 -4.16
C2 SGC B . 2.94 -9.32 -4.49
O2 SGC B . 1.68 -9.68 -3.92
C3 SGC B . 4.01 -10.20 -3.89
O3 SGC B . 3.73 -11.50 -4.33
C4 SGC B . 5.42 -9.73 -4.26
C5 SGC B . 5.64 -8.27 -3.94
O5 SGC B . 4.63 -7.59 -4.64
C6 SGC B . 7.00 -7.62 -4.41
O6 SGC B . 7.17 -7.72 -5.82
S4 SGC B . 6.58 -10.70 -3.29
C2 BGC B . 8.05 -12.87 -3.39
C3 BGC B . 8.18 -14.37 -3.59
C4 BGC B . 6.95 -15.13 -3.08
C5 BGC B . 5.66 -14.44 -3.61
C6 BGC B . 4.40 -15.03 -3.03
C1 BGC B . 6.70 -12.37 -3.91
O2 BGC B . 9.12 -12.25 -4.11
O3 BGC B . 9.36 -14.80 -2.91
O4 BGC B . 7.13 -16.46 -3.60
O5 BGC B . 5.66 -13.07 -3.26
O6 BGC B . 3.27 -14.41 -3.62
C1 SGC B . 6.87 -17.44 -2.61
C2 SGC B . 6.44 -18.74 -3.30
O2 SGC B . 5.18 -18.62 -3.96
C3 SGC B . 6.32 -19.81 -2.23
O3 SGC B . 6.13 -21.09 -2.86
C4 SGC B . 7.56 -19.84 -1.35
C5 SGC B . 7.93 -18.49 -0.79
O5 SGC B . 8.04 -17.58 -1.83
C6 SGC B . 9.30 -18.59 -0.07
O6 SGC B . 10.39 -18.59 -1.00
S4 SGC B . 7.25 -20.88 0.07
C2 BGC B . 7.66 -23.41 1.01
C3 BGC B . 7.90 -24.87 0.65
C4 BGC B . 6.96 -25.33 -0.47
C5 BGC B . 7.12 -24.31 -1.61
C6 BGC B . 6.49 -24.67 -2.96
C1 BGC B . 7.72 -22.59 -0.27
O2 BGC B . 8.64 -22.96 1.93
O3 BGC B . 7.74 -25.63 1.81
O4 BGC B . 7.41 -26.61 -0.90
O5 BGC B . 6.71 -23.05 -1.14
O6 BGC B . 5.08 -24.70 -2.87
C1 SGC B . 6.37 -27.59 -0.73
C2 SGC B . 6.46 -28.61 -1.89
O2 SGC B . 6.29 -27.94 -3.14
C3 SGC B . 5.37 -29.65 -1.76
O3 SGC B . 5.64 -30.67 -2.74
C4 SGC B . 5.24 -30.25 -0.36
C5 SGC B . 5.33 -29.17 0.74
O5 SGC B . 6.42 -28.25 0.55
C6 SGC B . 5.46 -29.82 2.14
O6 SGC B . 6.81 -29.99 2.56
S4 SGC B . 3.69 -31.23 -0.29
CA CA C . 9.56 -4.44 -17.46
#